data_8TRX
#
_entry.id   8TRX
#
_cell.length_a   139.680
_cell.length_b   139.680
_cell.length_c   125.830
_cell.angle_alpha   90.00
_cell.angle_beta   90.00
_cell.angle_gamma   120.00
#
_symmetry.space_group_name_H-M   'P 61'
#
loop_
_entity.id
_entity.type
_entity.pdbx_description
1 polymer 'CE15 glucuronoyl esterase'
2 water water
#
_entity_poly.entity_id   1
_entity_poly.type   'polypeptide(L)'
_entity_poly.pdbx_seq_one_letter_code
;MHHHHHHITSLYKKAGMAEVPLVYPKENMGESCKAPTLPQPASCPSVPKLPDPFEWSDGSGRVKNLADWECRRNEIKAEI
ENYELGKKPAPPQSLKATYSGGTLTVVVNDNGGSLTLTSKISVPSGSGPFPVIIGMNSNTGSLSAGQFSDFIQVPFNHDQ
CAQYSMTGQKNTNAPFYKLYPNLRDAGDYIAWSWGISRLIDGIEQVKDQIHADMNHIGVTGCSYAGKMALFGGAFDERVA
LTIPQESGGGGINAWRVSDTIGNVEKIDNTNYSWFMQALKNNFNGKSDKLPYDHHELIAMVAPRAFFTMGNPDYEWLGDK
SGYTSAMAALEVWKAMGVEDRFGFNFVGGHMHCSAAGTQVNDVNKFIDRFLRGKSVSTSNMLSSSVTNDYNSWIAAWKGY
TIDTSSTTTTPEDPAFLYKV
;
_entity_poly.pdbx_strand_id   A,B
#
# COMPACT_ATOMS: atom_id res chain seq x y z
N GLU A 19 23.52 -25.73 -24.04
CA GLU A 19 22.35 -25.02 -23.54
C GLU A 19 22.73 -23.66 -22.92
N VAL A 20 21.72 -22.86 -22.60
CA VAL A 20 21.91 -21.58 -21.91
C VAL A 20 21.63 -21.81 -20.43
N PRO A 21 22.48 -21.33 -19.51
CA PRO A 21 22.27 -21.66 -18.09
C PRO A 21 20.88 -21.23 -17.61
N LEU A 22 20.28 -22.07 -16.79
CA LEU A 22 19.01 -21.73 -16.16
C LEU A 22 19.17 -21.03 -14.82
N VAL A 23 20.38 -20.99 -14.28
CA VAL A 23 20.66 -20.54 -12.92
C VAL A 23 22.18 -20.61 -12.79
N TYR A 24 22.72 -19.96 -11.76
CA TYR A 24 24.17 -19.87 -11.63
C TYR A 24 24.57 -20.18 -10.19
N PRO A 25 25.79 -20.67 -10.00
CA PRO A 25 26.25 -20.94 -8.64
C PRO A 25 26.44 -19.69 -7.77
N LYS A 26 26.68 -18.51 -8.35
CA LYS A 26 27.05 -17.35 -7.55
C LYS A 26 25.99 -16.24 -7.64
N GLU A 27 25.90 -15.45 -6.58
CA GLU A 27 24.97 -14.32 -6.57
C GLU A 27 25.18 -13.41 -7.78
N ASN A 28 26.44 -13.17 -8.17
CA ASN A 28 26.74 -12.33 -9.33
C ASN A 28 27.92 -12.94 -10.08
N MET A 29 27.66 -13.53 -11.25
CA MET A 29 28.75 -14.03 -12.08
C MET A 29 29.56 -12.92 -12.76
N GLY A 30 29.08 -11.68 -12.77
CA GLY A 30 29.74 -10.62 -13.50
C GLY A 30 30.40 -9.57 -12.62
N GLU A 31 30.70 -9.92 -11.37
CA GLU A 31 31.38 -8.99 -10.47
C GLU A 31 32.71 -8.52 -11.07
N SER A 32 33.33 -9.36 -11.91
CA SER A 32 34.58 -9.00 -12.57
C SER A 32 34.41 -8.00 -13.72
N CYS A 33 33.18 -7.72 -14.17
CA CYS A 33 32.96 -6.80 -15.28
C CYS A 33 33.34 -5.36 -14.89
N LYS A 34 33.53 -4.53 -15.91
CA LYS A 34 33.98 -3.17 -15.76
C LYS A 34 32.77 -2.24 -15.61
N ALA A 35 32.76 -1.45 -14.52
CA ALA A 35 31.65 -0.54 -14.23
C ALA A 35 31.36 0.36 -15.42
N PRO A 36 30.10 0.64 -15.69
CA PRO A 36 29.76 1.44 -16.87
C PRO A 36 30.01 2.92 -16.62
N THR A 37 30.04 3.68 -17.71
CA THR A 37 29.99 5.12 -17.54
C THR A 37 28.63 5.50 -16.93
N LEU A 38 28.64 6.46 -16.01
CA LEU A 38 27.42 6.94 -15.36
C LEU A 38 27.33 8.46 -15.49
N PRO A 39 26.77 8.95 -16.58
CA PRO A 39 26.75 10.41 -16.78
C PRO A 39 25.87 11.08 -15.73
N GLN A 40 26.31 12.27 -15.30
CA GLN A 40 25.49 13.11 -14.43
C GLN A 40 24.12 13.32 -15.06
N PRO A 41 23.05 13.40 -14.26
CA PRO A 41 21.69 13.36 -14.84
C PRO A 41 21.48 14.37 -15.95
N ALA A 42 22.03 15.56 -15.83
CA ALA A 42 21.78 16.62 -16.80
C ALA A 42 22.56 16.43 -18.10
N SER A 43 23.60 15.60 -18.11
CA SER A 43 24.31 15.24 -19.35
C SER A 43 23.76 13.96 -19.98
N CYS A 44 22.68 13.40 -19.42
CA CYS A 44 22.12 12.15 -19.91
C CYS A 44 21.35 12.41 -21.21
N PRO A 45 21.54 11.58 -22.24
CA PRO A 45 20.75 11.79 -23.46
C PRO A 45 19.27 11.62 -23.19
N SER A 46 18.46 12.29 -24.00
CA SER A 46 17.03 12.08 -24.03
C SER A 46 16.71 10.89 -24.92
N VAL A 47 16.49 9.72 -24.32
CA VAL A 47 16.01 8.56 -25.04
C VAL A 47 14.52 8.43 -24.71
N PRO A 48 13.62 8.99 -25.54
CA PRO A 48 12.22 9.13 -25.11
C PRO A 48 11.43 7.81 -25.06
N LYS A 49 11.66 6.92 -26.01
CA LYS A 49 11.09 5.58 -25.94
C LYS A 49 11.95 4.72 -25.01
N LEU A 50 11.77 3.39 -25.03
CA LEU A 50 12.46 2.55 -24.04
C LEU A 50 13.92 2.35 -24.44
N PRO A 51 14.88 2.62 -23.56
CA PRO A 51 16.29 2.40 -23.89
C PRO A 51 16.54 0.98 -24.40
N ASP A 52 17.58 0.85 -25.18
CA ASP A 52 18.00 -0.41 -25.81
C ASP A 52 18.76 -1.26 -24.79
N PRO A 53 18.20 -2.40 -24.36
CA PRO A 53 18.86 -3.18 -23.31
C PRO A 53 20.16 -3.81 -23.74
N PHE A 54 20.38 -4.00 -25.04
CA PHE A 54 21.64 -4.57 -25.49
C PHE A 54 22.74 -3.54 -25.73
N GLU A 55 22.41 -2.25 -25.72
CA GLU A 55 23.38 -1.19 -25.97
C GLU A 55 24.25 -0.97 -24.73
N TRP A 56 25.58 -1.04 -24.90
CA TRP A 56 26.46 -0.77 -23.77
C TRP A 56 26.21 0.64 -23.23
N SER A 57 26.53 0.83 -21.95
CA SER A 57 26.22 2.10 -21.31
C SER A 57 26.92 3.27 -21.97
N ASP A 58 28.07 3.03 -22.63
CA ASP A 58 28.83 4.11 -23.28
C ASP A 58 28.48 4.31 -24.74
N GLY A 59 27.35 3.79 -25.20
CA GLY A 59 26.92 4.03 -26.57
C GLY A 59 27.75 3.35 -27.65
N SER A 60 28.61 2.39 -27.29
CA SER A 60 29.61 1.87 -28.22
C SER A 60 29.27 0.48 -28.74
N GLY A 61 27.99 0.20 -28.96
CA GLY A 61 27.71 -1.07 -29.61
C GLY A 61 26.71 -1.89 -28.83
N ARG A 62 26.70 -3.20 -29.12
CA ARG A 62 25.62 -4.08 -28.71
C ARG A 62 26.16 -5.43 -28.26
N VAL A 63 25.47 -6.03 -27.29
CA VAL A 63 25.89 -7.32 -26.73
C VAL A 63 26.05 -8.33 -27.86
N LYS A 64 27.10 -9.13 -27.79
CA LYS A 64 27.37 -10.12 -28.82
C LYS A 64 27.11 -11.55 -28.35
N ASN A 65 27.58 -11.90 -27.16
CA ASN A 65 27.50 -13.28 -26.67
C ASN A 65 27.02 -13.26 -25.22
N LEU A 66 27.04 -14.45 -24.60
CA LEU A 66 26.58 -14.62 -23.21
C LEU A 66 27.47 -13.88 -22.23
N ALA A 67 28.79 -14.01 -22.37
CA ALA A 67 29.69 -13.31 -21.47
C ALA A 67 29.46 -11.80 -21.55
N ASP A 68 29.05 -11.31 -22.71
CA ASP A 68 28.71 -9.91 -22.87
C ASP A 68 27.44 -9.58 -22.12
N TRP A 69 26.44 -10.45 -22.20
CA TRP A 69 25.17 -10.15 -21.55
C TRP A 69 25.35 -10.05 -20.05
N GLU A 70 26.20 -10.91 -19.48
CA GLU A 70 26.49 -10.82 -18.06
C GLU A 70 27.00 -9.45 -17.67
N CYS A 71 27.92 -8.88 -18.48
CA CYS A 71 28.44 -7.54 -18.21
C CYS A 71 27.43 -6.44 -18.52
N ARG A 72 26.58 -6.63 -19.53
CA ARG A 72 25.51 -5.67 -19.77
C ARG A 72 24.48 -5.71 -18.63
N ARG A 73 24.20 -6.90 -18.10
CA ARG A 73 23.39 -7.05 -16.91
C ARG A 73 24.02 -6.30 -15.74
N ASN A 74 25.33 -6.39 -15.61
CA ASN A 74 25.98 -5.68 -14.53
C ASN A 74 26.02 -4.18 -14.78
N GLU A 75 25.96 -3.73 -16.05
CA GLU A 75 25.84 -2.30 -16.29
C GLU A 75 24.44 -1.80 -15.88
N ILE A 76 23.40 -2.57 -16.22
CA ILE A 76 22.04 -2.23 -15.80
C ILE A 76 21.96 -2.17 -14.28
N LYS A 77 22.48 -3.19 -13.61
CA LYS A 77 22.55 -3.18 -12.14
C LYS A 77 23.18 -1.87 -11.65
N ALA A 78 24.38 -1.56 -12.16
CA ALA A 78 25.10 -0.36 -11.74
C ALA A 78 24.32 0.92 -12.05
N GLU A 79 23.55 0.96 -13.15
CA GLU A 79 22.75 2.15 -13.43
C GLU A 79 21.57 2.26 -12.48
N ILE A 80 20.88 1.14 -12.21
CA ILE A 80 19.77 1.18 -11.27
C ILE A 80 20.26 1.52 -9.87
N GLU A 81 21.41 0.98 -9.47
CA GLU A 81 21.96 1.36 -8.18
C GLU A 81 22.30 2.85 -8.13
N ASN A 82 22.82 3.39 -9.23
CA ASN A 82 23.34 4.74 -9.20
C ASN A 82 22.22 5.77 -9.21
N TYR A 83 21.18 5.55 -10.00
CA TYR A 83 20.15 6.56 -10.17
C TYR A 83 18.92 6.41 -9.26
N GLU A 84 18.57 5.20 -8.77
CA GLU A 84 17.31 5.08 -8.02
C GLU A 84 17.31 4.18 -6.79
N LEU A 85 18.33 3.32 -6.54
CA LEU A 85 18.28 2.41 -5.40
C LEU A 85 19.42 2.59 -4.40
N GLY A 86 20.63 2.86 -4.87
CA GLY A 86 21.82 2.73 -4.06
C GLY A 86 22.49 1.40 -4.31
N LYS A 87 23.73 1.28 -3.87
CA LYS A 87 24.51 0.10 -4.22
C LYS A 87 24.22 -1.02 -3.23
N LYS A 88 23.73 -2.14 -3.74
CA LYS A 88 23.77 -3.40 -3.02
C LYS A 88 25.17 -3.65 -2.49
N PRO A 89 25.36 -3.78 -1.18
CA PRO A 89 26.64 -4.28 -0.66
C PRO A 89 27.04 -5.62 -1.27
N ALA A 90 28.36 -5.82 -1.39
CA ALA A 90 28.92 -7.09 -1.76
C ALA A 90 28.70 -8.10 -0.65
N PRO A 91 28.91 -9.39 -0.92
CA PRO A 91 28.82 -10.41 0.14
C PRO A 91 29.66 -10.02 1.35
N PRO A 92 29.17 -10.29 2.56
CA PRO A 92 29.86 -9.79 3.76
C PRO A 92 31.13 -10.59 4.05
N GLN A 93 31.98 -10.03 4.91
CA GLN A 93 33.21 -10.72 5.27
C GLN A 93 32.94 -12.07 5.93
N SER A 94 31.89 -12.15 6.76
CA SER A 94 31.59 -13.34 7.55
C SER A 94 30.09 -13.63 7.56
N LEU A 95 29.74 -14.90 7.41
CA LEU A 95 28.33 -15.30 7.49
C LEU A 95 28.21 -16.71 8.08
N LYS A 96 27.45 -16.84 9.17
CA LYS A 96 27.29 -18.10 9.87
C LYS A 96 25.81 -18.43 9.98
N ALA A 97 25.40 -19.55 9.42
CA ALA A 97 23.99 -19.95 9.47
C ALA A 97 23.84 -21.24 10.28
N THR A 98 22.75 -21.34 11.05
CA THR A 98 22.42 -22.56 11.75
C THR A 98 20.93 -22.83 11.66
N TYR A 99 20.58 -24.11 11.75
CA TYR A 99 19.23 -24.63 11.67
C TYR A 99 18.95 -25.44 12.93
N SER A 100 18.12 -24.91 13.83
CA SER A 100 17.76 -25.61 15.05
C SER A 100 16.32 -25.29 15.40
N GLY A 101 15.51 -26.33 15.63
CA GLY A 101 14.15 -26.10 16.05
C GLY A 101 13.22 -25.63 14.96
N GLY A 102 13.49 -26.00 13.71
CA GLY A 102 12.70 -25.49 12.59
C GLY A 102 13.05 -24.08 12.15
N THR A 103 14.03 -23.43 12.78
CA THR A 103 14.35 -22.05 12.49
C THR A 103 15.76 -21.95 11.93
N LEU A 104 15.88 -21.25 10.79
CA LEU A 104 17.18 -20.91 10.24
C LEU A 104 17.57 -19.52 10.76
N THR A 105 18.74 -19.41 11.35
CA THR A 105 19.25 -18.12 11.85
C THR A 105 20.56 -17.84 11.14
N VAL A 106 20.70 -16.62 10.61
CA VAL A 106 21.85 -16.23 9.76
C VAL A 106 22.50 -15.01 10.39
N VAL A 107 23.79 -15.12 10.73
CA VAL A 107 24.51 -14.05 11.41
C VAL A 107 25.55 -13.47 10.45
N VAL A 108 25.45 -12.15 10.20
CA VAL A 108 26.27 -11.47 9.19
C VAL A 108 27.27 -10.56 9.91
N ASN A 109 28.54 -10.66 9.54
CA ASN A 109 29.56 -9.77 10.08
C ASN A 109 30.25 -9.05 8.92
N ASP A 110 30.40 -7.74 9.06
CA ASP A 110 31.02 -6.95 8.00
C ASP A 110 31.53 -5.65 8.63
N ASN A 111 32.84 -5.39 8.50
CA ASN A 111 33.44 -4.12 8.93
C ASN A 111 32.97 -3.71 10.34
N GLY A 112 33.03 -4.65 11.28
CA GLY A 112 32.75 -4.35 12.67
C GLY A 112 31.29 -4.32 13.08
N GLY A 113 30.36 -4.62 12.16
CA GLY A 113 28.95 -4.67 12.45
C GLY A 113 28.38 -6.08 12.39
N SER A 114 27.14 -6.20 12.87
CA SER A 114 26.41 -7.46 12.84
C SER A 114 24.96 -7.18 12.50
N LEU A 115 24.34 -8.18 11.88
CA LEU A 115 22.92 -8.24 11.56
C LEU A 115 22.56 -9.73 11.53
N THR A 116 21.40 -10.06 12.09
CA THR A 116 20.92 -11.42 12.24
C THR A 116 19.55 -11.49 11.58
N LEU A 117 19.38 -12.51 10.73
CA LEU A 117 18.08 -12.88 10.17
C LEU A 117 17.66 -14.21 10.76
N THR A 118 16.35 -14.37 10.96
CA THR A 118 15.79 -15.59 11.51
C THR A 118 14.50 -15.92 10.77
N SER A 119 14.41 -17.13 10.23
CA SER A 119 13.20 -17.58 9.54
C SER A 119 12.77 -18.95 10.06
N LYS A 120 11.46 -19.08 10.29
CA LYS A 120 10.84 -20.37 10.58
C LYS A 120 10.53 -21.01 9.24
N ILE A 121 11.33 -22.00 8.85
CA ILE A 121 11.22 -22.62 7.54
C ILE A 121 10.45 -23.93 7.71
N SER A 122 9.96 -24.47 6.60
CA SER A 122 9.31 -25.77 6.71
C SER A 122 9.93 -26.66 5.65
N VAL A 123 10.34 -27.85 6.07
CA VAL A 123 11.12 -28.79 5.29
C VAL A 123 10.22 -29.96 4.91
N PRO A 124 10.19 -30.40 3.66
CA PRO A 124 9.40 -31.58 3.32
C PRO A 124 10.00 -32.86 3.91
N SER A 125 9.19 -33.90 4.00
CA SER A 125 9.72 -35.20 4.43
C SER A 125 10.58 -35.81 3.33
N GLY A 126 11.54 -36.65 3.72
CA GLY A 126 12.26 -37.47 2.77
C GLY A 126 13.72 -37.09 2.69
N SER A 127 14.43 -37.77 1.78
CA SER A 127 15.87 -37.65 1.63
C SER A 127 16.29 -36.49 0.73
N GLY A 128 15.46 -36.14 -0.25
CA GLY A 128 15.63 -34.92 -1.00
C GLY A 128 16.47 -35.11 -2.24
N PRO A 129 16.96 -34.01 -2.84
CA PRO A 129 16.83 -32.64 -2.34
C PRO A 129 15.48 -31.97 -2.66
N PHE A 130 15.25 -30.83 -2.01
CA PHE A 130 13.98 -30.19 -2.27
C PHE A 130 14.19 -28.82 -2.91
N PRO A 131 13.36 -28.41 -3.88
CA PRO A 131 13.43 -27.04 -4.35
C PRO A 131 13.04 -26.08 -3.24
N VAL A 132 13.37 -24.80 -3.41
CA VAL A 132 13.17 -23.79 -2.37
C VAL A 132 12.25 -22.69 -2.92
N ILE A 133 11.41 -22.14 -2.05
CA ILE A 133 10.57 -20.97 -2.35
C ILE A 133 10.72 -19.98 -1.20
N ILE A 134 11.14 -18.76 -1.52
CA ILE A 134 11.33 -17.70 -0.55
C ILE A 134 10.21 -16.71 -0.75
N GLY A 135 9.32 -16.60 0.22
CA GLY A 135 8.25 -15.65 0.16
C GLY A 135 8.62 -14.39 0.94
N MET A 136 7.93 -13.31 0.61
CA MET A 136 8.16 -12.06 1.31
C MET A 136 7.21 -11.97 2.49
N ASN A 137 7.77 -11.91 3.69
CA ASN A 137 7.08 -11.84 4.97
C ASN A 137 6.23 -13.08 5.26
N SER A 138 6.43 -14.16 4.52
CA SER A 138 5.62 -15.36 4.67
C SER A 138 6.24 -16.46 3.81
N ASN A 139 5.98 -17.72 4.18
CA ASN A 139 6.22 -18.82 3.26
C ASN A 139 5.45 -18.50 1.98
N THR A 140 6.02 -18.80 0.82
CA THR A 140 5.21 -18.68 -0.40
C THR A 140 4.50 -17.34 -0.68
N GLY A 141 4.75 -16.31 0.13
CA GLY A 141 4.24 -15.00 -0.22
C GLY A 141 2.73 -15.00 -0.24
N SER A 142 2.13 -14.61 -1.37
CA SER A 142 0.69 -14.52 -1.55
C SER A 142 0.15 -15.64 -2.43
N LEU A 143 1.02 -16.51 -2.94
CA LEU A 143 0.56 -17.78 -3.48
C LEU A 143 0.21 -18.74 -2.35
N SER A 144 -0.62 -19.73 -2.66
CA SER A 144 -1.09 -20.64 -1.61
C SER A 144 -0.01 -21.66 -1.25
N ALA A 145 -0.01 -22.06 0.02
CA ALA A 145 0.88 -23.14 0.46
C ALA A 145 0.77 -24.37 -0.44
N GLY A 146 -0.43 -24.63 -1.00
CA GLY A 146 -0.60 -25.79 -1.84
C GLY A 146 0.24 -25.79 -3.09
N GLN A 147 0.50 -24.61 -3.67
CA GLN A 147 1.36 -24.57 -4.87
C GLN A 147 2.83 -24.90 -4.57
N PHE A 148 3.21 -25.02 -3.29
CA PHE A 148 4.57 -25.36 -2.90
C PHE A 148 4.59 -26.36 -1.74
N SER A 149 3.60 -27.26 -1.70
CA SER A 149 3.48 -28.26 -0.63
C SER A 149 4.69 -29.17 -0.56
N ASP A 150 5.40 -29.36 -1.67
CA ASP A 150 6.61 -30.19 -1.75
C ASP A 150 7.91 -29.36 -1.72
N PHE A 151 7.88 -28.12 -1.20
CA PHE A 151 9.02 -27.21 -1.22
C PHE A 151 9.59 -26.99 0.18
N ILE A 152 10.89 -26.70 0.25
CA ILE A 152 11.39 -25.95 1.41
C ILE A 152 10.84 -24.53 1.34
N GLN A 153 10.23 -24.06 2.44
CA GLN A 153 9.51 -22.79 2.45
C GLN A 153 10.16 -21.84 3.46
N VAL A 154 10.70 -20.75 2.96
CA VAL A 154 11.54 -19.86 3.76
C VAL A 154 10.90 -18.48 3.74
N PRO A 155 10.38 -18.00 4.86
CA PRO A 155 9.79 -16.65 4.84
C PRO A 155 10.90 -15.62 5.00
N PHE A 156 10.90 -14.60 4.15
CA PHE A 156 11.80 -13.46 4.33
C PHE A 156 11.06 -12.43 5.15
N ASN A 157 11.47 -12.29 6.40
CA ASN A 157 10.95 -11.28 7.33
C ASN A 157 11.68 -9.97 7.03
N HIS A 158 11.10 -9.17 6.12
CA HIS A 158 11.89 -8.07 5.56
C HIS A 158 12.27 -7.05 6.62
N ASP A 159 11.41 -6.84 7.61
CA ASP A 159 11.69 -5.84 8.65
C ASP A 159 12.95 -6.17 9.44
N GLN A 160 13.49 -7.39 9.30
CA GLN A 160 14.78 -7.58 9.99
C GLN A 160 15.92 -6.87 9.28
N CYS A 161 15.71 -6.33 8.07
CA CYS A 161 16.66 -5.45 7.37
C CYS A 161 16.20 -3.99 7.33
N ALA A 162 15.05 -3.69 6.74
CA ALA A 162 14.52 -2.34 6.70
C ALA A 162 13.03 -2.40 6.98
N GLN A 163 12.54 -1.47 7.79
CA GLN A 163 11.14 -1.49 8.22
C GLN A 163 10.21 -1.10 7.07
N TYR A 164 9.30 -2.01 6.69
CA TYR A 164 8.29 -1.62 5.73
C TYR A 164 7.38 -0.55 6.34
N SER A 165 6.96 0.40 5.51
CA SER A 165 6.10 1.48 5.92
C SER A 165 5.64 2.18 4.64
N MET A 166 4.54 2.92 4.74
CA MET A 166 3.97 3.57 3.57
C MET A 166 3.91 5.08 3.71
N THR A 167 4.54 5.63 4.75
CA THR A 167 4.93 7.02 4.74
C THR A 167 6.21 7.14 3.94
N GLY A 168 6.35 8.25 3.21
CA GLY A 168 7.53 8.35 2.38
C GLY A 168 8.83 8.54 3.15
N GLN A 169 8.84 8.23 4.45
CA GLN A 169 9.97 8.45 5.34
C GLN A 169 10.64 7.13 5.70
N LYS A 170 11.94 7.19 5.95
CA LYS A 170 12.81 6.05 6.21
C LYS A 170 13.15 5.92 7.68
N ASN A 171 13.23 4.68 8.16
CA ASN A 171 13.65 4.40 9.53
C ASN A 171 15.12 4.03 9.52
N THR A 172 15.99 5.02 9.80
CA THR A 172 17.42 4.78 9.75
C THR A 172 17.96 3.97 10.89
N ASN A 173 17.12 3.54 11.83
CA ASN A 173 17.58 2.68 12.92
C ASN A 173 17.38 1.20 12.63
N ALA A 174 16.73 0.84 11.50
CA ALA A 174 16.53 -0.55 11.19
C ALA A 174 17.90 -1.24 11.06
N PRO A 175 17.97 -2.57 11.24
CA PRO A 175 19.31 -3.20 11.39
C PRO A 175 20.24 -3.04 10.17
N PHE A 176 19.72 -3.00 8.95
CA PHE A 176 20.57 -2.79 7.78
C PHE A 176 21.30 -1.45 7.86
N TYR A 177 20.55 -0.37 8.12
CA TYR A 177 21.14 0.95 8.18
C TYR A 177 22.09 1.08 9.36
N LYS A 178 21.91 0.28 10.40
CA LYS A 178 22.89 0.32 11.48
C LYS A 178 24.18 -0.32 11.05
N LEU A 179 24.11 -1.33 10.19
CA LEU A 179 25.30 -2.03 9.71
C LEU A 179 25.97 -1.27 8.56
N TYR A 180 25.22 -0.53 7.75
CA TYR A 180 25.80 0.31 6.70
C TYR A 180 25.25 1.73 6.84
N PRO A 181 25.67 2.45 7.89
CA PRO A 181 25.15 3.81 8.12
C PRO A 181 25.37 4.76 6.98
N ASN A 182 26.42 4.60 6.20
CA ASN A 182 26.55 5.47 5.05
C ASN A 182 25.61 5.08 3.92
N LEU A 183 24.65 4.19 4.17
CA LEU A 183 23.67 3.85 3.14
C LEU A 183 22.31 4.45 3.46
N ARG A 184 22.22 5.38 4.43
CA ARG A 184 20.95 5.94 4.85
C ARG A 184 20.21 6.68 3.73
N ASP A 185 20.85 6.95 2.59
CA ASP A 185 20.14 7.51 1.44
C ASP A 185 19.64 6.45 0.49
N ALA A 186 20.07 5.20 0.66
CA ALA A 186 19.71 4.15 -0.28
C ALA A 186 18.23 3.82 -0.14
N GLY A 187 17.66 3.30 -1.21
CA GLY A 187 16.29 2.82 -1.12
C GLY A 187 16.18 1.54 -0.29
N ASP A 188 15.01 1.38 0.34
CA ASP A 188 14.74 0.19 1.13
C ASP A 188 14.80 -1.09 0.28
N TYR A 189 14.51 -0.99 -1.03
CA TYR A 189 14.57 -2.18 -1.86
C TYR A 189 15.98 -2.73 -2.01
N ILE A 190 17.00 -1.90 -1.80
CA ILE A 190 18.36 -2.45 -1.83
C ILE A 190 18.65 -3.22 -0.55
N ALA A 191 18.10 -2.76 0.60
CA ALA A 191 18.24 -3.54 1.84
C ALA A 191 17.56 -4.89 1.71
N TRP A 192 16.36 -4.89 1.13
CA TRP A 192 15.57 -6.09 1.02
C TRP A 192 16.21 -7.08 0.06
N SER A 193 16.63 -6.61 -1.14
CA SER A 193 17.40 -7.48 -2.03
C SER A 193 18.62 -8.09 -1.34
N TRP A 194 19.32 -7.28 -0.55
CA TRP A 194 20.53 -7.78 0.12
C TRP A 194 20.19 -8.84 1.17
N GLY A 195 19.06 -8.65 1.90
CA GLY A 195 18.63 -9.65 2.87
C GLY A 195 18.25 -10.98 2.22
N ILE A 196 17.56 -10.94 1.07
CA ILE A 196 17.26 -12.18 0.37
C ILE A 196 18.56 -12.90 -0.02
N SER A 197 19.59 -12.16 -0.40
CA SER A 197 20.83 -12.81 -0.76
C SER A 197 21.54 -13.35 0.47
N ARG A 198 21.29 -12.77 1.65
CA ARG A 198 21.87 -13.33 2.87
C ARG A 198 21.13 -14.58 3.29
N LEU A 199 19.80 -14.65 3.07
CA LEU A 199 19.08 -15.90 3.30
C LEU A 199 19.66 -17.03 2.44
N ILE A 200 19.72 -16.81 1.12
CA ILE A 200 20.28 -17.82 0.19
C ILE A 200 21.69 -18.23 0.64
N ASP A 201 22.50 -17.28 1.10
CA ASP A 201 23.80 -17.63 1.70
C ASP A 201 23.66 -18.65 2.83
N GLY A 202 22.68 -18.43 3.72
CA GLY A 202 22.49 -19.33 4.85
C GLY A 202 21.91 -20.68 4.47
N ILE A 203 20.98 -20.68 3.50
CA ILE A 203 20.48 -21.93 2.94
C ILE A 203 21.61 -22.75 2.34
N GLU A 204 22.53 -22.10 1.59
CA GLU A 204 23.70 -22.81 1.05
CA GLU A 204 23.67 -22.84 1.06
C GLU A 204 24.47 -23.49 2.18
N GLN A 205 24.66 -22.78 3.29
CA GLN A 205 25.51 -23.29 4.36
C GLN A 205 24.89 -24.51 5.04
N VAL A 206 23.57 -24.52 5.22
CA VAL A 206 22.88 -25.61 5.86
C VAL A 206 22.31 -26.59 4.84
N LYS A 207 22.78 -26.56 3.59
CA LYS A 207 22.05 -27.24 2.51
C LYS A 207 21.96 -28.73 2.76
N ASP A 208 23.06 -29.37 3.19
CA ASP A 208 23.05 -30.82 3.39
C ASP A 208 22.24 -31.24 4.59
N GLN A 209 21.86 -30.31 5.47
CA GLN A 209 21.11 -30.56 6.69
C GLN A 209 19.59 -30.54 6.45
N ILE A 210 19.09 -29.67 5.56
CA ILE A 210 17.69 -29.64 5.17
C ILE A 210 17.47 -30.14 3.76
N HIS A 211 18.52 -30.62 3.08
CA HIS A 211 18.44 -31.17 1.73
C HIS A 211 17.92 -30.16 0.71
N ALA A 212 18.52 -28.97 0.71
CA ALA A 212 18.15 -27.92 -0.24
C ALA A 212 18.80 -28.16 -1.61
N ASP A 213 18.02 -28.00 -2.66
CA ASP A 213 18.52 -28.04 -4.04
C ASP A 213 18.82 -26.60 -4.49
N MET A 214 20.08 -26.19 -4.42
CA MET A 214 20.44 -24.80 -4.73
C MET A 214 20.19 -24.41 -6.18
N ASN A 215 19.87 -25.35 -7.07
CA ASN A 215 19.54 -24.99 -8.45
C ASN A 215 18.04 -24.82 -8.68
N HIS A 216 17.21 -24.90 -7.64
CA HIS A 216 15.78 -24.72 -7.82
C HIS A 216 15.21 -23.88 -6.67
N ILE A 217 15.72 -22.65 -6.55
CA ILE A 217 15.23 -21.66 -5.58
C ILE A 217 14.33 -20.67 -6.31
N GLY A 218 13.11 -20.47 -5.77
CA GLY A 218 12.22 -19.48 -6.31
C GLY A 218 12.02 -18.37 -5.31
N VAL A 219 11.48 -17.24 -5.77
CA VAL A 219 11.19 -16.08 -4.96
C VAL A 219 9.83 -15.56 -5.41
N THR A 220 8.98 -15.15 -4.45
CA THR A 220 7.67 -14.62 -4.80
C THR A 220 7.14 -13.70 -3.70
N GLY A 221 6.35 -12.73 -4.14
CA GLY A 221 5.71 -11.78 -3.26
C GLY A 221 4.73 -10.99 -4.09
N CYS A 222 3.78 -10.36 -3.40
CA CYS A 222 2.73 -9.60 -4.07
C CYS A 222 2.76 -8.13 -3.63
N SER A 223 2.46 -7.23 -4.57
CA SER A 223 2.27 -5.80 -4.32
C SER A 223 3.60 -5.14 -3.92
N TYR A 224 3.72 -4.54 -2.75
CA TYR A 224 5.08 -4.18 -2.31
C TYR A 224 5.98 -5.41 -2.28
N ALA A 225 5.44 -6.56 -1.89
CA ALA A 225 6.23 -7.78 -1.86
C ALA A 225 6.53 -8.29 -3.26
N GLY A 226 5.71 -7.91 -4.25
CA GLY A 226 6.04 -8.18 -5.63
C GLY A 226 7.27 -7.41 -6.11
N LYS A 227 7.36 -6.10 -5.78
CA LYS A 227 8.56 -5.37 -6.18
C LYS A 227 9.77 -5.95 -5.49
N MET A 228 9.61 -6.32 -4.20
CA MET A 228 10.65 -6.97 -3.43
C MET A 228 11.14 -8.25 -4.13
N ALA A 229 10.22 -9.07 -4.62
CA ALA A 229 10.63 -10.29 -5.32
C ALA A 229 11.32 -9.96 -6.64
N LEU A 230 10.86 -8.91 -7.32
CA LEU A 230 11.49 -8.54 -8.59
C LEU A 230 12.95 -8.12 -8.38
N PHE A 231 13.19 -7.17 -7.46
CA PHE A 231 14.56 -6.80 -7.12
C PHE A 231 15.34 -7.97 -6.57
N GLY A 232 14.69 -8.81 -5.76
CA GLY A 232 15.43 -9.88 -5.13
C GLY A 232 16.01 -10.86 -6.14
N GLY A 233 15.20 -11.24 -7.13
CA GLY A 233 15.67 -12.21 -8.09
C GLY A 233 16.49 -11.60 -9.20
N ALA A 234 16.20 -10.35 -9.55
CA ALA A 234 16.99 -9.66 -10.56
C ALA A 234 18.43 -9.50 -10.10
N PHE A 235 18.61 -9.22 -8.80
CA PHE A 235 19.90 -8.92 -8.20
C PHE A 235 20.59 -10.14 -7.61
N ASP A 236 20.14 -11.36 -7.93
CA ASP A 236 20.79 -12.58 -7.39
C ASP A 236 20.62 -13.72 -8.40
N GLU A 237 21.72 -14.15 -8.99
CA GLU A 237 21.70 -15.10 -10.08
C GLU A 237 21.50 -16.54 -9.62
N ARG A 238 21.37 -16.79 -8.32
CA ARG A 238 21.03 -18.11 -7.81
C ARG A 238 19.53 -18.32 -7.70
N VAL A 239 18.73 -17.32 -8.08
CA VAL A 239 17.27 -17.46 -8.13
C VAL A 239 16.87 -17.99 -9.52
N ALA A 240 16.34 -19.21 -9.53
CA ALA A 240 16.00 -19.89 -10.77
C ALA A 240 14.64 -19.51 -11.30
N LEU A 241 13.76 -18.96 -10.45
CA LEU A 241 12.44 -18.47 -10.88
C LEU A 241 12.01 -17.28 -10.03
N THR A 242 11.81 -16.14 -10.68
CA THR A 242 11.39 -14.90 -10.05
C THR A 242 9.93 -14.67 -10.38
N ILE A 243 9.10 -14.47 -9.35
CA ILE A 243 7.65 -14.40 -9.53
C ILE A 243 7.09 -13.16 -8.84
N PRO A 244 7.14 -12.01 -9.47
CA PRO A 244 6.49 -10.85 -8.87
C PRO A 244 5.00 -10.93 -9.16
N GLN A 245 4.19 -10.67 -8.13
CA GLN A 245 2.74 -10.73 -8.24
C GLN A 245 2.15 -9.32 -8.03
N GLU A 246 1.55 -8.77 -9.08
CA GLU A 246 0.89 -7.46 -9.01
C GLU A 246 1.83 -6.40 -8.40
N SER A 247 3.05 -6.30 -8.97
CA SER A 247 4.08 -5.38 -8.47
C SER A 247 3.74 -3.91 -8.75
N GLY A 248 3.11 -3.62 -9.88
CA GLY A 248 2.66 -2.25 -10.10
C GLY A 248 3.80 -1.26 -10.33
N GLY A 249 3.54 0.00 -9.99
CA GLY A 249 4.51 1.05 -10.25
C GLY A 249 5.68 0.95 -9.31
N GLY A 250 6.90 1.04 -9.85
CA GLY A 250 8.10 0.70 -9.12
C GLY A 250 8.51 -0.75 -9.23
N GLY A 251 7.65 -1.59 -9.79
CA GLY A 251 8.01 -2.97 -10.04
C GLY A 251 8.28 -3.19 -11.50
N ILE A 252 7.50 -4.07 -12.14
CA ILE A 252 7.74 -4.35 -13.54
C ILE A 252 7.47 -3.14 -14.42
N ASN A 253 6.63 -2.20 -13.97
CA ASN A 253 6.23 -1.03 -14.75
C ASN A 253 7.42 -0.15 -15.12
N ALA A 254 7.44 0.31 -16.38
CA ALA A 254 8.43 1.29 -16.83
C ALA A 254 8.05 2.70 -16.34
N TRP A 255 9.07 3.46 -15.89
CA TRP A 255 8.80 4.82 -15.44
C TRP A 255 8.24 5.67 -16.58
N ARG A 256 8.84 5.55 -17.77
CA ARG A 256 8.41 6.30 -18.96
C ARG A 256 6.94 6.07 -19.26
N VAL A 257 6.56 4.81 -19.52
CA VAL A 257 5.17 4.53 -19.92
C VAL A 257 4.19 4.93 -18.82
N SER A 258 4.54 4.69 -17.56
CA SER A 258 3.66 5.14 -16.48
C SER A 258 3.46 6.64 -16.48
N ASP A 259 4.44 7.40 -17.00
CA ASP A 259 4.24 8.84 -17.15
C ASP A 259 3.17 9.18 -18.19
N THR A 260 3.00 8.32 -19.22
CA THR A 260 2.00 8.57 -20.26
C THR A 260 0.59 8.20 -19.83
N ILE A 261 0.41 7.25 -18.90
CA ILE A 261 -0.91 7.03 -18.33
C ILE A 261 -0.98 7.85 -17.06
N GLY A 262 -2.11 7.85 -16.37
CA GLY A 262 -2.33 8.81 -15.30
C GLY A 262 -2.79 8.20 -14.00
N ASN A 263 -2.43 8.89 -12.91
CA ASN A 263 -2.79 8.46 -11.56
C ASN A 263 -2.39 7.00 -11.31
N VAL A 264 -1.14 6.69 -11.65
CA VAL A 264 -0.48 5.44 -11.31
C VAL A 264 0.71 5.76 -10.42
N GLU A 265 1.25 4.72 -9.79
CA GLU A 265 2.52 4.87 -9.10
C GLU A 265 3.61 5.13 -10.14
N LYS A 266 4.35 6.23 -9.99
CA LYS A 266 5.32 6.71 -10.98
C LYS A 266 6.31 7.60 -10.24
N ILE A 267 7.23 8.25 -10.97
CA ILE A 267 8.29 9.01 -10.27
C ILE A 267 7.66 10.14 -9.47
N ASP A 268 6.53 10.65 -9.96
CA ASP A 268 5.89 11.81 -9.35
C ASP A 268 5.36 11.51 -7.94
N ASN A 269 4.87 10.29 -7.69
CA ASN A 269 4.10 10.06 -6.47
C ASN A 269 4.49 8.84 -5.66
N THR A 270 5.58 8.15 -5.98
CA THR A 270 5.97 6.95 -5.25
C THR A 270 6.65 7.38 -3.94
N ASN A 271 7.18 6.46 -3.12
CA ASN A 271 7.85 7.07 -1.98
C ASN A 271 9.35 6.94 -2.05
N TYR A 272 9.99 7.91 -1.42
CA TYR A 272 11.42 8.02 -1.51
C TYR A 272 12.18 7.63 -0.26
N SER A 273 11.74 6.50 0.27
CA SER A 273 12.47 5.68 1.23
C SER A 273 12.73 4.31 0.59
N TRP A 274 11.77 3.81 -0.23
CA TRP A 274 11.98 2.55 -0.94
C TRP A 274 12.92 2.77 -2.10
N PHE A 275 12.87 3.97 -2.66
CA PHE A 275 13.73 4.44 -3.71
C PHE A 275 14.52 5.62 -3.14
N MET A 276 15.47 6.08 -3.94
CA MET A 276 16.31 7.21 -3.56
C MET A 276 15.64 8.51 -4.01
N GLN A 277 15.54 9.47 -3.09
CA GLN A 277 15.07 10.81 -3.45
C GLN A 277 15.71 11.33 -4.75
N ALA A 278 16.95 10.95 -5.04
CA ALA A 278 17.63 11.40 -6.27
C ALA A 278 16.83 11.12 -7.55
N LEU A 279 16.11 10.00 -7.61
CA LEU A 279 15.27 9.74 -8.79
C LEU A 279 14.25 10.87 -8.99
N LYS A 280 13.59 11.31 -7.93
CA LYS A 280 12.60 12.37 -8.11
C LYS A 280 13.28 13.67 -8.50
N ASN A 281 14.34 14.03 -7.79
CA ASN A 281 15.00 15.30 -8.00
C ASN A 281 15.66 15.40 -9.35
N ASN A 282 16.16 14.29 -9.89
CA ASN A 282 16.88 14.38 -11.16
C ASN A 282 16.01 14.06 -12.36
N PHE A 283 14.94 13.27 -12.18
CA PHE A 283 14.24 12.76 -13.34
C PHE A 283 12.73 12.95 -13.32
N ASN A 284 12.16 13.60 -12.31
CA ASN A 284 10.72 13.83 -12.36
C ASN A 284 10.37 14.79 -13.49
N GLY A 285 9.54 14.33 -14.43
CA GLY A 285 9.19 15.11 -15.59
C GLY A 285 10.19 14.99 -16.71
N LYS A 286 11.18 14.14 -16.56
CA LYS A 286 12.22 13.97 -17.56
C LYS A 286 12.74 12.54 -17.42
N SER A 287 11.83 11.58 -17.48
CA SER A 287 12.21 10.18 -17.42
C SER A 287 12.80 9.70 -18.73
N ASP A 288 12.60 10.47 -19.82
CA ASP A 288 13.30 10.19 -21.07
C ASP A 288 14.82 10.30 -20.90
N LYS A 289 15.30 10.94 -19.84
CA LYS A 289 16.73 11.09 -19.63
C LYS A 289 17.35 9.93 -18.86
N LEU A 290 16.57 8.96 -18.39
CA LEU A 290 17.14 7.82 -17.68
C LEU A 290 17.92 6.92 -18.64
N PRO A 291 19.13 6.49 -18.29
CA PRO A 291 19.86 5.58 -19.19
C PRO A 291 19.25 4.20 -19.27
N TYR A 292 18.27 3.90 -18.41
CA TYR A 292 17.65 2.59 -18.26
C TYR A 292 16.16 2.82 -18.06
N ASP A 293 15.39 1.73 -18.07
CA ASP A 293 14.09 1.73 -17.44
C ASP A 293 13.85 0.35 -16.82
N HIS A 294 12.67 0.15 -16.28
CA HIS A 294 12.43 -1.09 -15.55
C HIS A 294 12.28 -2.32 -16.44
N HIS A 295 12.11 -2.15 -17.76
CA HIS A 295 12.15 -3.33 -18.61
C HIS A 295 13.51 -4.00 -18.50
N GLU A 296 14.57 -3.23 -18.25
CA GLU A 296 15.89 -3.84 -18.08
C GLU A 296 16.11 -4.36 -16.65
N LEU A 297 15.32 -3.90 -15.68
CA LEU A 297 15.33 -4.53 -14.34
C LEU A 297 14.80 -5.94 -14.46
N ILE A 298 13.68 -6.11 -15.16
CA ILE A 298 13.19 -7.44 -15.48
C ILE A 298 14.28 -8.23 -16.19
N ALA A 299 14.94 -7.60 -17.19
CA ALA A 299 15.94 -8.31 -17.99
C ALA A 299 17.18 -8.72 -17.20
N MET A 300 17.44 -8.12 -16.04
CA MET A 300 18.50 -8.62 -15.18
C MET A 300 18.25 -10.08 -14.77
N VAL A 301 17.01 -10.55 -14.84
CA VAL A 301 16.75 -11.96 -14.52
C VAL A 301 17.22 -12.87 -15.64
N ALA A 302 17.12 -12.41 -16.90
CA ALA A 302 17.54 -13.21 -18.04
C ALA A 302 18.99 -13.66 -17.88
N PRO A 303 19.33 -14.90 -18.28
CA PRO A 303 18.42 -15.87 -18.92
C PRO A 303 17.63 -16.81 -17.99
N ARG A 304 17.46 -16.44 -16.73
CA ARG A 304 16.73 -17.27 -15.80
C ARG A 304 15.21 -17.09 -15.99
N ALA A 305 14.44 -17.94 -15.34
CA ALA A 305 13.00 -17.98 -15.57
C ALA A 305 12.27 -16.85 -14.86
N PHE A 306 11.23 -16.34 -15.52
CA PHE A 306 10.49 -15.20 -15.01
C PHE A 306 9.01 -15.35 -15.34
N PHE A 307 8.15 -15.14 -14.33
CA PHE A 307 6.70 -15.15 -14.53
C PHE A 307 6.06 -14.13 -13.60
N THR A 308 5.15 -13.29 -14.13
CA THR A 308 4.56 -12.22 -13.33
C THR A 308 3.04 -12.18 -13.54
N MET A 309 2.32 -11.61 -12.57
CA MET A 309 0.85 -11.54 -12.63
C MET A 309 0.35 -10.10 -12.47
N GLY A 310 -0.64 -9.74 -13.29
CA GLY A 310 -1.23 -8.42 -13.25
C GLY A 310 -2.66 -8.49 -12.76
N ASN A 311 -3.24 -7.30 -12.58
CA ASN A 311 -4.62 -7.16 -12.13
C ASN A 311 -5.14 -5.82 -12.63
N PRO A 312 -5.63 -5.77 -13.87
CA PRO A 312 -6.11 -4.50 -14.45
C PRO A 312 -7.28 -3.90 -13.70
N ASP A 313 -7.94 -4.65 -12.80
CA ASP A 313 -9.07 -4.12 -12.04
C ASP A 313 -8.67 -3.01 -11.09
N TYR A 314 -7.37 -2.82 -10.84
CA TYR A 314 -6.89 -1.75 -9.98
C TYR A 314 -6.00 -0.83 -10.83
N GLU A 315 -6.52 0.37 -11.13
CA GLU A 315 -5.80 1.29 -12.00
C GLU A 315 -4.45 1.70 -11.41
N TRP A 316 -4.35 1.76 -10.08
CA TRP A 316 -3.10 2.17 -9.44
C TRP A 316 -1.92 1.29 -9.83
N LEU A 317 -2.18 0.10 -10.34
CA LEU A 317 -1.08 -0.77 -10.73
C LEU A 317 -0.55 -0.42 -12.12
N GLY A 318 -1.29 0.35 -12.91
CA GLY A 318 -0.84 0.76 -14.21
C GLY A 318 -0.39 -0.35 -15.14
N ASP A 319 -1.27 -1.30 -15.40
CA ASP A 319 -0.86 -2.52 -16.09
C ASP A 319 -0.51 -2.28 -17.54
N LYS A 320 -1.00 -1.20 -18.16
CA LYS A 320 -0.56 -0.93 -19.53
C LYS A 320 0.96 -0.70 -19.56
N SER A 321 1.49 0.00 -18.54
CA SER A 321 2.94 0.17 -18.42
C SER A 321 3.63 -1.13 -18.06
N GLY A 322 3.10 -1.87 -17.08
CA GLY A 322 3.66 -3.19 -16.77
C GLY A 322 3.63 -4.12 -17.97
N TYR A 323 2.49 -4.19 -18.64
CA TYR A 323 2.41 -5.03 -19.83
C TYR A 323 3.43 -4.59 -20.86
N THR A 324 3.53 -3.27 -21.10
CA THR A 324 4.48 -2.76 -22.09
C THR A 324 5.89 -3.14 -21.71
N SER A 325 6.26 -2.87 -20.45
CA SER A 325 7.62 -3.11 -19.98
C SER A 325 7.97 -4.58 -20.00
N ALA A 326 6.98 -5.46 -19.68
CA ALA A 326 7.19 -6.91 -19.78
C ALA A 326 7.48 -7.34 -21.23
N MET A 327 6.74 -6.79 -22.19
CA MET A 327 6.99 -7.11 -23.60
C MET A 327 8.38 -6.66 -24.01
N ALA A 328 8.80 -5.48 -23.54
CA ALA A 328 10.16 -5.02 -23.81
C ALA A 328 11.18 -5.97 -23.21
N ALA A 329 10.98 -6.40 -21.96
CA ALA A 329 11.96 -7.28 -21.35
C ALA A 329 12.08 -8.59 -22.11
N LEU A 330 10.95 -9.13 -22.58
CA LEU A 330 10.94 -10.40 -23.31
C LEU A 330 11.94 -10.43 -24.45
N GLU A 331 12.20 -9.27 -25.08
CA GLU A 331 13.14 -9.21 -26.18
C GLU A 331 14.49 -9.80 -25.78
N VAL A 332 14.89 -9.65 -24.51
CA VAL A 332 16.19 -10.18 -24.08
C VAL A 332 16.17 -11.71 -24.07
N TRP A 333 15.06 -12.32 -23.65
CA TRP A 333 14.96 -13.79 -23.69
C TRP A 333 14.89 -14.28 -25.13
N LYS A 334 14.13 -13.59 -25.98
CA LYS A 334 14.12 -13.91 -27.41
C LYS A 334 15.53 -13.86 -27.98
N ALA A 335 16.28 -12.80 -27.67
CA ALA A 335 17.61 -12.66 -28.26
C ALA A 335 18.51 -13.85 -27.92
N MET A 336 18.29 -14.47 -26.77
CA MET A 336 19.08 -15.62 -26.37
C MET A 336 18.39 -16.92 -26.71
N GLY A 337 17.27 -16.86 -27.43
CA GLY A 337 16.56 -18.05 -27.82
C GLY A 337 15.98 -18.84 -26.67
N VAL A 338 15.59 -18.17 -25.58
CA VAL A 338 14.98 -18.82 -24.42
C VAL A 338 13.69 -18.13 -24.02
N GLU A 339 12.91 -17.65 -25.00
CA GLU A 339 11.71 -16.88 -24.71
C GLU A 339 10.62 -17.68 -23.97
N ASP A 340 10.72 -19.00 -23.94
CA ASP A 340 9.79 -19.80 -23.16
C ASP A 340 10.13 -19.82 -21.67
N ARG A 341 11.20 -19.15 -21.27
CA ARG A 341 11.44 -18.97 -19.84
C ARG A 341 10.79 -17.69 -19.32
N PHE A 342 10.04 -16.97 -20.15
CA PHE A 342 9.38 -15.73 -19.78
C PHE A 342 7.88 -15.87 -19.96
N GLY A 343 7.11 -15.45 -18.97
CA GLY A 343 5.67 -15.60 -19.06
C GLY A 343 4.98 -14.66 -18.13
N PHE A 344 3.75 -14.31 -18.48
CA PHE A 344 2.97 -13.50 -17.59
C PHE A 344 1.50 -13.85 -17.78
N ASN A 345 0.66 -13.25 -16.96
CA ASN A 345 -0.78 -13.37 -17.09
C ASN A 345 -1.39 -12.10 -16.52
N PHE A 346 -2.00 -11.29 -17.39
CA PHE A 346 -2.75 -10.12 -16.96
C PHE A 346 -4.23 -10.42 -17.12
N VAL A 347 -4.99 -10.29 -16.03
CA VAL A 347 -6.42 -10.56 -16.06
C VAL A 347 -7.04 -9.95 -14.82
N GLY A 348 -8.26 -9.45 -14.98
CA GLY A 348 -9.06 -8.99 -13.87
C GLY A 348 -9.92 -10.09 -13.27
N GLY A 349 -10.95 -9.65 -12.55
CA GLY A 349 -11.89 -10.58 -11.95
C GLY A 349 -11.43 -11.23 -10.67
N HIS A 350 -10.39 -10.72 -10.04
CA HIS A 350 -9.86 -11.30 -8.82
C HIS A 350 -9.43 -10.17 -7.89
N MET A 351 -9.46 -10.46 -6.60
CA MET A 351 -9.02 -9.47 -5.64
C MET A 351 -7.49 -9.26 -5.73
N HIS A 352 -7.04 -8.07 -5.33
CA HIS A 352 -5.61 -7.77 -5.31
C HIS A 352 -4.89 -8.80 -4.46
N CYS A 353 -3.84 -9.43 -5.04
CA CYS A 353 -2.97 -10.39 -4.37
C CYS A 353 -3.60 -11.76 -4.15
N SER A 354 -4.72 -12.05 -4.79
CA SER A 354 -5.33 -13.37 -4.76
C SER A 354 -5.51 -13.81 -6.21
N ALA A 355 -4.64 -14.69 -6.68
CA ALA A 355 -4.53 -14.95 -8.11
C ALA A 355 -5.82 -15.52 -8.68
N ALA A 356 -6.25 -14.98 -9.82
CA ALA A 356 -7.30 -15.60 -10.63
C ALA A 356 -7.02 -17.08 -10.91
N GLY A 357 -8.06 -17.82 -11.34
CA GLY A 357 -7.87 -19.24 -11.63
C GLY A 357 -6.86 -19.48 -12.74
N THR A 358 -6.99 -18.73 -13.85
CA THR A 358 -6.01 -18.87 -14.92
C THR A 358 -4.58 -18.50 -14.47
N GLN A 359 -4.43 -17.59 -13.50
CA GLN A 359 -3.09 -17.21 -13.03
C GLN A 359 -2.45 -18.34 -12.21
N VAL A 360 -3.24 -18.96 -11.33
CA VAL A 360 -2.78 -20.11 -10.56
C VAL A 360 -2.30 -21.22 -11.51
N ASN A 361 -3.03 -21.47 -12.58
CA ASN A 361 -2.64 -22.52 -13.53
C ASN A 361 -1.39 -22.14 -14.32
N ASP A 362 -1.36 -20.91 -14.86
CA ASP A 362 -0.20 -20.49 -15.65
C ASP A 362 1.09 -20.57 -14.84
N VAL A 363 1.09 -20.01 -13.64
CA VAL A 363 2.34 -20.00 -12.90
C VAL A 363 2.72 -21.42 -12.48
N ASN A 364 1.72 -22.28 -12.28
CA ASN A 364 1.97 -23.68 -11.88
C ASN A 364 2.71 -24.44 -12.96
N LYS A 365 2.46 -24.13 -14.24
CA LYS A 365 3.34 -24.64 -15.29
C LYS A 365 4.79 -24.15 -15.10
N PHE A 366 4.97 -22.89 -14.69
CA PHE A 366 6.34 -22.37 -14.53
C PHE A 366 7.01 -22.97 -13.30
N ILE A 367 6.28 -23.06 -12.18
CA ILE A 367 6.82 -23.75 -11.01
C ILE A 367 7.20 -25.20 -11.33
N ASP A 368 6.39 -25.88 -12.15
CA ASP A 368 6.72 -27.27 -12.49
C ASP A 368 8.01 -27.35 -13.28
N ARG A 369 8.10 -26.58 -14.37
CA ARG A 369 9.25 -26.75 -15.23
C ARG A 369 10.54 -26.27 -14.56
N PHE A 370 10.54 -25.05 -14.02
CA PHE A 370 11.79 -24.38 -13.66
C PHE A 370 12.19 -24.55 -12.21
N LEU A 371 11.26 -24.93 -11.34
CA LEU A 371 11.58 -25.26 -9.95
C LEU A 371 11.46 -26.75 -9.66
N ARG A 372 10.46 -27.46 -10.20
CA ARG A 372 10.32 -28.88 -9.91
C ARG A 372 11.06 -29.78 -10.91
N GLY A 373 11.41 -29.27 -12.09
CA GLY A 373 12.20 -30.00 -13.04
C GLY A 373 11.41 -30.80 -14.06
N LYS A 374 10.09 -30.86 -13.95
CA LYS A 374 9.26 -31.60 -14.88
C LYS A 374 9.36 -31.01 -16.29
N SER A 375 9.18 -31.86 -17.31
CA SER A 375 9.22 -31.35 -18.67
C SER A 375 7.84 -30.89 -19.14
N VAL A 376 7.21 -30.03 -18.35
CA VAL A 376 6.10 -29.26 -18.86
C VAL A 376 6.60 -28.31 -19.95
N SER A 377 5.67 -27.90 -20.82
CA SER A 377 5.96 -26.90 -21.82
C SER A 377 5.50 -25.53 -21.33
N THR A 378 6.20 -24.49 -21.75
CA THR A 378 5.92 -23.13 -21.32
C THR A 378 6.05 -22.13 -22.46
N SER A 379 5.70 -22.55 -23.69
CA SER A 379 6.24 -21.93 -24.90
C SER A 379 5.70 -20.53 -25.12
N ASN A 380 4.39 -20.31 -24.96
CA ASN A 380 3.88 -18.97 -25.24
C ASN A 380 2.76 -18.67 -24.26
N MET A 381 3.17 -18.29 -23.06
CA MET A 381 2.27 -17.94 -22.01
C MET A 381 2.37 -16.44 -21.75
N LEU A 382 1.83 -15.70 -22.72
CA LEU A 382 1.82 -14.26 -22.70
C LEU A 382 0.36 -13.81 -22.74
N SER A 383 -0.42 -14.26 -21.79
CA SER A 383 -1.86 -14.07 -21.81
C SER A 383 -2.22 -12.79 -21.09
N SER A 384 -2.98 -11.91 -21.74
CA SER A 384 -3.25 -10.62 -21.14
C SER A 384 -4.55 -10.06 -21.70
N SER A 385 -5.45 -9.69 -20.81
CA SER A 385 -6.59 -8.85 -21.15
C SER A 385 -6.21 -7.38 -21.28
N VAL A 386 -4.95 -7.04 -21.08
CA VAL A 386 -4.45 -5.68 -21.20
C VAL A 386 -3.71 -5.55 -22.52
N THR A 387 -3.97 -4.48 -23.25
CA THR A 387 -3.28 -4.24 -24.51
C THR A 387 -2.70 -2.84 -24.52
N ASN A 388 -1.71 -2.64 -25.39
CA ASN A 388 -1.01 -1.38 -25.51
C ASN A 388 -0.06 -1.46 -26.69
N ASP A 389 0.29 -0.30 -27.23
CA ASP A 389 1.15 -0.20 -28.40
C ASP A 389 2.60 -0.35 -27.93
N TYR A 390 2.98 -1.58 -27.62
CA TYR A 390 4.32 -1.79 -27.06
C TYR A 390 5.40 -1.74 -28.13
N ASN A 391 5.07 -2.05 -29.39
CA ASN A 391 6.06 -1.89 -30.47
C ASN A 391 6.51 -0.44 -30.58
N SER A 392 5.59 0.51 -30.37
CA SER A 392 5.91 1.94 -30.34
C SER A 392 7.06 2.25 -29.39
N TRP A 393 7.22 1.47 -28.31
CA TRP A 393 8.24 1.73 -27.30
C TRP A 393 9.56 1.04 -27.60
N ILE A 394 9.53 -0.05 -28.38
CA ILE A 394 10.74 -0.82 -28.63
C ILE A 394 11.11 -0.86 -30.11
N ALA A 395 10.41 -0.13 -30.99
CA ALA A 395 10.62 -0.30 -32.43
C ALA A 395 12.08 -0.14 -32.84
N ALA A 396 12.77 0.87 -32.29
CA ALA A 396 14.16 1.14 -32.67
C ALA A 396 15.04 -0.10 -32.53
N TRP A 397 15.03 -0.71 -31.35
CA TRP A 397 15.80 -1.91 -31.03
C TRP A 397 14.80 -3.06 -30.88
N LYS A 398 14.97 -4.13 -31.65
CA LYS A 398 13.98 -5.21 -31.57
C LYS A 398 14.43 -6.34 -32.46
N GLY A 399 14.12 -7.57 -32.08
CA GLY A 399 14.54 -8.68 -32.90
C GLY A 399 16.04 -8.90 -32.99
N TYR A 400 16.81 -8.37 -32.03
CA TYR A 400 18.24 -8.66 -31.94
C TYR A 400 18.45 -10.10 -31.49
N THR A 401 19.62 -10.64 -31.77
CA THR A 401 19.90 -11.98 -31.25
C THR A 401 21.33 -12.01 -30.76
N ILE A 402 21.58 -12.86 -29.76
CA ILE A 402 22.88 -13.01 -29.11
C ILE A 402 23.40 -14.40 -29.46
N ASP A 403 24.71 -14.53 -29.65
CA ASP A 403 25.30 -15.84 -29.92
C ASP A 403 25.52 -16.59 -28.60
N THR A 404 24.97 -17.80 -28.53
CA THR A 404 25.03 -18.63 -27.33
C THR A 404 26.04 -19.77 -27.49
N SER A 405 27.26 -19.42 -27.90
CA SER A 405 28.40 -20.33 -28.13
C SER A 405 28.13 -21.20 -29.34
N VAL B 20 -32.28 6.91 19.44
CA VAL B 20 -30.86 7.00 19.07
C VAL B 20 -30.72 6.70 17.58
N PRO B 21 -30.59 7.74 16.76
CA PRO B 21 -30.55 7.51 15.30
C PRO B 21 -29.30 6.77 14.84
N LEU B 22 -29.46 6.05 13.72
CA LEU B 22 -28.38 5.29 13.11
C LEU B 22 -27.66 6.05 11.99
N VAL B 23 -28.30 7.06 11.41
CA VAL B 23 -27.84 7.84 10.27
C VAL B 23 -28.58 9.17 10.37
N TYR B 24 -28.32 10.10 9.47
CA TYR B 24 -28.92 11.43 9.53
C TYR B 24 -29.21 11.88 8.11
N PRO B 25 -30.16 12.82 7.94
CA PRO B 25 -30.48 13.29 6.56
C PRO B 25 -29.56 14.37 6.01
N LYS B 26 -28.77 15.05 6.86
CA LYS B 26 -27.86 16.11 6.42
C LYS B 26 -26.41 15.67 6.62
N GLU B 27 -25.51 16.26 5.83
CA GLU B 27 -24.08 16.03 6.02
C GLU B 27 -23.63 16.49 7.42
N ASN B 28 -24.13 17.64 7.88
CA ASN B 28 -23.82 18.13 9.23
C ASN B 28 -25.09 18.66 9.90
N MET B 29 -25.72 17.83 10.73
CA MET B 29 -26.94 18.24 11.44
C MET B 29 -26.71 19.44 12.36
N GLY B 30 -25.49 19.61 12.88
CA GLY B 30 -25.19 20.69 13.78
C GLY B 30 -24.39 21.81 13.14
N GLU B 31 -24.67 22.08 11.85
CA GLU B 31 -24.02 23.15 11.09
C GLU B 31 -24.32 24.54 11.63
N SER B 32 -25.07 24.61 12.73
CA SER B 32 -25.54 25.84 13.33
C SER B 32 -24.95 26.10 14.71
N CYS B 33 -24.18 25.15 15.26
CA CYS B 33 -23.67 25.24 16.62
C CYS B 33 -22.60 26.32 16.76
N LYS B 34 -22.37 26.75 18.00
CA LYS B 34 -21.36 27.75 18.29
C LYS B 34 -19.97 27.13 18.11
N ALA B 35 -19.23 27.65 17.14
CA ALA B 35 -17.85 27.22 16.93
C ALA B 35 -17.05 27.42 18.21
N PRO B 36 -16.23 26.45 18.58
CA PRO B 36 -15.56 26.50 19.89
C PRO B 36 -14.42 27.51 19.91
N THR B 37 -13.93 27.73 21.13
CA THR B 37 -12.72 28.52 21.30
C THR B 37 -11.53 27.64 21.01
N LEU B 38 -10.53 28.23 20.34
CA LEU B 38 -9.38 27.50 19.84
C LEU B 38 -8.13 28.23 20.32
N PRO B 39 -7.59 27.83 21.47
CA PRO B 39 -6.37 28.49 21.96
C PRO B 39 -5.24 28.38 20.95
N GLN B 40 -4.44 29.43 20.87
CA GLN B 40 -3.17 29.33 20.18
C GLN B 40 -2.39 28.14 20.74
N PRO B 41 -1.63 27.42 19.90
CA PRO B 41 -1.00 26.18 20.39
C PRO B 41 -0.19 26.35 21.67
N ALA B 42 0.46 27.50 21.86
CA ALA B 42 1.19 27.75 23.12
C ALA B 42 0.23 27.76 24.31
N SER B 43 -0.81 28.60 24.25
CA SER B 43 -1.83 28.72 25.30
C SER B 43 -2.60 27.42 25.55
N CYS B 44 -2.35 26.37 24.77
CA CYS B 44 -3.07 25.12 24.96
C CYS B 44 -2.55 24.42 26.21
N PRO B 45 -3.46 23.98 27.13
CA PRO B 45 -3.03 23.24 28.34
C PRO B 45 -2.32 21.94 28.02
N SER B 46 -1.90 21.19 29.03
CA SER B 46 -1.16 19.96 28.76
C SER B 46 -1.88 18.73 29.24
N VAL B 47 -3.11 18.51 28.79
CA VAL B 47 -3.85 17.28 29.13
C VAL B 47 -3.04 16.08 28.66
N PRO B 48 -2.38 15.33 29.54
CA PRO B 48 -1.42 14.32 29.07
C PRO B 48 -1.99 12.94 28.80
N LYS B 49 -3.18 12.63 29.31
CA LYS B 49 -3.82 11.38 28.94
C LYS B 49 -4.77 11.64 27.78
N LEU B 50 -5.65 10.71 27.45
CA LEU B 50 -6.54 10.93 26.30
C LEU B 50 -7.59 11.97 26.68
N PRO B 51 -7.69 13.08 25.95
CA PRO B 51 -8.64 14.13 26.34
C PRO B 51 -10.08 13.64 26.35
N ASP B 52 -10.89 14.36 27.13
CA ASP B 52 -12.26 13.94 27.42
C ASP B 52 -13.18 14.35 26.27
N PRO B 53 -13.83 13.40 25.59
CA PRO B 53 -14.67 13.78 24.45
C PRO B 53 -15.96 14.45 24.86
N PHE B 54 -16.40 14.29 26.10
CA PHE B 54 -17.66 14.88 26.55
C PHE B 54 -17.51 16.30 27.05
N GLU B 55 -16.29 16.71 27.45
CA GLU B 55 -16.09 18.07 27.95
C GLU B 55 -16.12 19.05 26.79
N TRP B 56 -16.83 20.15 26.97
CA TRP B 56 -16.78 21.21 25.98
C TRP B 56 -15.35 21.73 25.86
N SER B 57 -15.07 22.40 24.74
CA SER B 57 -13.74 22.98 24.57
C SER B 57 -13.49 24.13 25.55
N ASP B 58 -14.54 24.91 25.88
CA ASP B 58 -14.35 25.98 26.85
C ASP B 58 -14.19 25.49 28.28
N GLY B 59 -14.28 24.19 28.55
CA GLY B 59 -14.04 23.70 29.89
C GLY B 59 -15.13 23.95 30.89
N SER B 60 -16.31 24.38 30.46
CA SER B 60 -17.44 24.66 31.35
C SER B 60 -18.38 23.46 31.47
N GLY B 61 -17.86 22.30 31.83
CA GLY B 61 -18.69 21.12 32.03
C GLY B 61 -18.71 20.19 30.84
N ARG B 62 -19.61 19.22 30.91
CA ARG B 62 -19.67 18.15 29.92
C ARG B 62 -21.02 18.18 29.20
N VAL B 63 -21.13 17.27 28.23
CA VAL B 63 -22.31 17.16 27.39
C VAL B 63 -23.47 16.57 28.21
N LYS B 64 -24.69 16.98 27.89
CA LYS B 64 -25.86 16.55 28.67
C LYS B 64 -26.76 15.58 27.91
N ASN B 65 -27.07 15.85 26.65
CA ASN B 65 -28.01 15.05 25.90
C ASN B 65 -27.55 14.97 24.43
N LEU B 66 -28.46 14.51 23.56
CA LEU B 66 -28.12 14.28 22.16
C LEU B 66 -28.00 15.59 21.38
N ALA B 67 -28.87 16.56 21.63
CA ALA B 67 -28.68 17.86 20.99
C ALA B 67 -27.34 18.45 21.36
N ASP B 68 -26.86 18.16 22.57
CA ASP B 68 -25.56 18.64 23.02
C ASP B 68 -24.45 17.90 22.30
N TRP B 69 -24.59 16.57 22.17
CA TRP B 69 -23.56 15.77 21.50
C TRP B 69 -23.34 16.24 20.07
N GLU B 70 -24.41 16.61 19.37
CA GLU B 70 -24.28 17.12 18.01
C GLU B 70 -23.34 18.32 17.97
N CYS B 71 -23.40 19.18 18.97
CA CYS B 71 -22.58 20.39 18.98
C CYS B 71 -21.16 20.15 19.52
N ARG B 72 -20.99 19.16 20.39
CA ARG B 72 -19.65 18.78 20.83
C ARG B 72 -18.86 18.10 19.70
N ARG B 73 -19.48 17.10 19.06
CA ARG B 73 -19.02 16.57 17.79
C ARG B 73 -18.51 17.69 16.90
N ASN B 74 -19.37 18.68 16.66
CA ASN B 74 -18.99 19.80 15.81
C ASN B 74 -17.85 20.62 16.40
N GLU B 75 -17.65 20.59 17.72
CA GLU B 75 -16.48 21.25 18.30
C GLU B 75 -15.23 20.44 18.02
N ILE B 76 -15.31 19.11 18.24
CA ILE B 76 -14.25 18.20 17.82
C ILE B 76 -13.89 18.45 16.36
N LYS B 77 -14.90 18.69 15.52
CA LYS B 77 -14.67 18.95 14.11
C LYS B 77 -13.90 20.24 13.92
N ALA B 78 -14.32 21.30 14.62
CA ALA B 78 -13.60 22.56 14.42
C ALA B 78 -12.16 22.50 14.93
N GLU B 79 -11.85 21.60 15.88
CA GLU B 79 -10.50 21.49 16.42
C GLU B 79 -9.57 20.73 15.47
N ILE B 80 -9.99 19.53 15.04
CA ILE B 80 -9.26 18.79 14.02
C ILE B 80 -9.02 19.67 12.80
N GLU B 81 -10.06 20.39 12.36
CA GLU B 81 -9.90 21.33 11.25
C GLU B 81 -8.83 22.37 11.56
N ASN B 82 -8.88 22.95 12.76
CA ASN B 82 -8.01 24.10 13.04
C ASN B 82 -6.55 23.72 13.22
N TYR B 83 -6.27 22.52 13.70
CA TYR B 83 -4.91 22.17 14.11
C TYR B 83 -4.20 21.19 13.19
N GLU B 84 -4.91 20.32 12.45
CA GLU B 84 -4.19 19.33 11.64
C GLU B 84 -4.73 19.11 10.22
N LEU B 85 -5.97 19.44 9.90
CA LEU B 85 -6.54 19.17 8.57
C LEU B 85 -6.80 20.39 7.72
N GLY B 86 -7.24 21.50 8.31
CA GLY B 86 -7.86 22.56 7.55
C GLY B 86 -9.38 22.42 7.55
N LYS B 87 -10.04 23.50 7.17
CA LYS B 87 -11.50 23.59 7.29
C LYS B 87 -12.17 22.93 6.10
N LYS B 88 -13.08 22.00 6.37
CA LYS B 88 -13.90 21.44 5.30
C LYS B 88 -14.81 22.53 4.72
N PRO B 89 -14.85 22.72 3.40
CA PRO B 89 -15.75 23.73 2.83
C PRO B 89 -17.22 23.37 3.03
N ALA B 90 -18.05 24.40 3.19
CA ALA B 90 -19.49 24.22 3.24
C ALA B 90 -19.97 23.70 1.88
N PRO B 91 -21.18 23.16 1.80
CA PRO B 91 -21.67 22.61 0.53
C PRO B 91 -21.67 23.66 -0.56
N PRO B 92 -21.45 23.26 -1.82
CA PRO B 92 -21.21 24.26 -2.88
C PRO B 92 -22.46 25.06 -3.19
N GLN B 93 -22.29 26.13 -3.96
CA GLN B 93 -23.45 26.90 -4.34
C GLN B 93 -24.34 26.12 -5.31
N SER B 94 -23.73 25.29 -6.16
CA SER B 94 -24.46 24.53 -7.15
C SER B 94 -23.82 23.15 -7.35
N LEU B 95 -24.69 22.14 -7.48
CA LEU B 95 -24.27 20.76 -7.70
C LEU B 95 -25.25 20.09 -8.66
N LYS B 96 -24.73 19.58 -9.77
CA LYS B 96 -25.54 19.00 -10.84
C LYS B 96 -25.05 17.58 -11.09
N ALA B 97 -25.86 16.58 -10.71
CA ALA B 97 -25.53 15.16 -10.87
C ALA B 97 -26.33 14.53 -12.00
N THR B 98 -25.65 13.78 -12.88
CA THR B 98 -26.28 13.03 -13.97
C THR B 98 -25.78 11.59 -13.94
N TYR B 99 -26.67 10.65 -14.25
CA TYR B 99 -26.35 9.22 -14.32
C TYR B 99 -26.72 8.69 -15.70
N SER B 100 -25.73 8.54 -16.57
CA SER B 100 -25.96 7.91 -17.86
C SER B 100 -24.78 7.03 -18.20
N GLY B 101 -25.06 5.92 -18.90
CA GLY B 101 -24.03 4.96 -19.24
C GLY B 101 -23.41 4.28 -18.05
N GLY B 102 -24.19 4.08 -16.98
CA GLY B 102 -23.69 3.49 -15.74
C GLY B 102 -22.72 4.36 -14.96
N THR B 103 -22.54 5.61 -15.35
CA THR B 103 -21.53 6.49 -14.77
C THR B 103 -22.19 7.70 -14.14
N LEU B 104 -21.81 7.98 -12.89
CA LEU B 104 -22.26 9.18 -12.18
C LEU B 104 -21.28 10.32 -12.46
N THR B 105 -21.79 11.42 -13.02
CA THR B 105 -21.04 12.65 -13.16
C THR B 105 -21.61 13.67 -12.18
N VAL B 106 -20.75 14.19 -11.29
CA VAL B 106 -21.13 15.20 -10.31
C VAL B 106 -20.31 16.44 -10.59
N VAL B 107 -21.00 17.53 -10.92
CA VAL B 107 -20.40 18.79 -11.34
C VAL B 107 -20.60 19.81 -10.24
N VAL B 108 -19.50 20.34 -9.69
CA VAL B 108 -19.54 21.28 -8.56
C VAL B 108 -19.18 22.66 -9.06
N ASN B 109 -20.02 23.64 -8.75
CA ASN B 109 -19.73 25.06 -9.01
C ASN B 109 -19.72 25.81 -7.69
N ASP B 110 -18.68 26.61 -7.46
CA ASP B 110 -18.57 27.38 -6.22
C ASP B 110 -17.62 28.56 -6.46
N ASN B 111 -18.13 29.79 -6.30
CA ASN B 111 -17.37 31.03 -6.42
C ASN B 111 -16.58 31.12 -7.72
N GLY B 112 -17.29 30.94 -8.84
CA GLY B 112 -16.64 30.96 -10.12
C GLY B 112 -15.80 29.76 -10.43
N GLY B 113 -15.61 28.84 -9.50
CA GLY B 113 -14.87 27.63 -9.76
C GLY B 113 -15.77 26.45 -10.12
N SER B 114 -15.15 25.45 -10.72
CA SER B 114 -15.84 24.23 -11.08
C SER B 114 -14.96 23.01 -10.89
N LEU B 115 -15.60 21.90 -10.51
CA LEU B 115 -14.93 20.62 -10.26
C LEU B 115 -15.90 19.49 -10.59
N THR B 116 -15.45 18.52 -11.38
CA THR B 116 -16.29 17.41 -11.82
C THR B 116 -15.79 16.10 -11.23
N LEU B 117 -16.68 15.35 -10.58
CA LEU B 117 -16.45 13.96 -10.17
C LEU B 117 -17.10 13.02 -11.18
N THR B 118 -16.36 12.00 -11.62
CA THR B 118 -16.94 10.95 -12.48
C THR B 118 -16.69 9.58 -11.86
N SER B 119 -17.75 8.79 -11.67
CA SER B 119 -17.62 7.47 -11.07
C SER B 119 -18.35 6.42 -11.90
N LYS B 120 -17.63 5.35 -12.24
CA LYS B 120 -18.20 4.16 -12.88
C LYS B 120 -18.77 3.26 -11.79
N ILE B 121 -20.10 3.21 -11.69
CA ILE B 121 -20.78 2.54 -10.58
C ILE B 121 -21.44 1.26 -11.06
N SER B 122 -21.81 0.42 -10.10
CA SER B 122 -22.32 -0.91 -10.41
C SER B 122 -23.60 -1.05 -9.59
N VAL B 123 -24.74 -0.91 -10.27
CA VAL B 123 -26.05 -1.05 -9.67
C VAL B 123 -26.52 -2.48 -9.92
N PRO B 124 -27.03 -3.17 -8.90
CA PRO B 124 -27.53 -4.53 -9.12
C PRO B 124 -28.83 -4.52 -9.93
N SER B 125 -29.04 -5.61 -10.68
CA SER B 125 -30.32 -5.80 -11.36
C SER B 125 -31.45 -5.86 -10.33
N GLY B 126 -32.57 -5.26 -10.65
CA GLY B 126 -33.71 -5.32 -9.77
C GLY B 126 -34.47 -4.00 -9.72
N SER B 127 -35.36 -3.92 -8.74
CA SER B 127 -36.14 -2.72 -8.49
C SER B 127 -35.67 -1.97 -7.25
N GLY B 128 -34.79 -2.57 -6.44
CA GLY B 128 -34.30 -1.95 -5.24
C GLY B 128 -35.40 -1.71 -4.23
N PRO B 129 -35.13 -0.88 -3.21
CA PRO B 129 -33.90 -0.14 -2.97
C PRO B 129 -32.69 -0.99 -2.54
N PHE B 130 -31.51 -0.69 -3.15
CA PHE B 130 -30.25 -1.28 -2.73
C PHE B 130 -29.50 -0.34 -1.78
N PRO B 131 -28.74 -0.89 -0.84
CA PRO B 131 -27.82 -0.09 -0.07
C PRO B 131 -26.59 0.27 -0.90
N VAL B 132 -25.75 1.14 -0.34
CA VAL B 132 -24.67 1.77 -1.09
C VAL B 132 -23.36 1.58 -0.35
N ILE B 133 -22.32 1.18 -1.08
CA ILE B 133 -20.95 1.17 -0.57
C ILE B 133 -20.13 2.14 -1.42
N ILE B 134 -19.35 2.98 -0.75
CA ILE B 134 -18.40 3.86 -1.43
C ILE B 134 -17.01 3.35 -1.04
N GLY B 135 -16.29 2.81 -2.02
CA GLY B 135 -14.95 2.38 -1.78
C GLY B 135 -13.97 3.49 -2.10
N MET B 136 -12.85 3.47 -1.41
CA MET B 136 -11.80 4.46 -1.65
C MET B 136 -10.96 3.97 -2.83
N ASN B 137 -11.21 4.56 -4.01
CA ASN B 137 -10.42 4.38 -5.23
C ASN B 137 -10.63 3.03 -5.91
N SER B 138 -11.77 2.38 -5.65
CA SER B 138 -12.29 1.18 -6.29
C SER B 138 -13.63 0.88 -5.63
N ASN B 139 -14.49 0.13 -6.33
CA ASN B 139 -15.68 -0.39 -5.66
C ASN B 139 -15.22 -1.16 -4.43
N THR B 140 -15.88 -0.95 -3.31
CA THR B 140 -15.61 -1.74 -2.10
C THR B 140 -14.15 -1.67 -1.62
N GLY B 141 -13.34 -0.74 -2.10
CA GLY B 141 -12.03 -0.54 -1.47
C GLY B 141 -11.14 -1.77 -1.57
N SER B 142 -10.58 -2.17 -0.43
CA SER B 142 -9.77 -3.38 -0.31
C SER B 142 -10.55 -4.57 0.27
N LEU B 143 -11.86 -4.47 0.42
CA LEU B 143 -12.69 -5.63 0.71
C LEU B 143 -13.22 -6.19 -0.61
N SER B 144 -13.49 -7.49 -0.62
CA SER B 144 -13.88 -8.16 -1.84
C SER B 144 -15.22 -7.65 -2.31
N ALA B 145 -15.43 -7.65 -3.63
CA ALA B 145 -16.74 -7.30 -4.15
C ALA B 145 -17.79 -8.30 -3.70
N GLY B 146 -17.36 -9.52 -3.34
CA GLY B 146 -18.29 -10.52 -2.85
C GLY B 146 -19.05 -10.05 -1.63
N GLN B 147 -18.35 -9.44 -0.68
CA GLN B 147 -19.00 -8.99 0.54
C GLN B 147 -20.05 -7.91 0.28
N PHE B 148 -20.12 -7.36 -0.94
CA PHE B 148 -21.08 -6.31 -1.32
C PHE B 148 -21.81 -6.66 -2.62
N SER B 149 -22.09 -7.95 -2.83
CA SER B 149 -22.66 -8.43 -4.09
C SER B 149 -24.00 -7.76 -4.43
N ASP B 150 -24.79 -7.40 -3.41
CA ASP B 150 -26.13 -6.83 -3.62
C ASP B 150 -26.16 -5.32 -3.48
N PHE B 151 -25.00 -4.66 -3.34
CA PHE B 151 -24.93 -3.23 -3.11
C PHE B 151 -24.88 -2.47 -4.43
N ILE B 152 -25.20 -1.17 -4.35
CA ILE B 152 -24.69 -0.21 -5.32
C ILE B 152 -23.24 0.10 -4.92
N GLN B 153 -22.32 0.00 -5.86
CA GLN B 153 -20.91 0.19 -5.57
C GLN B 153 -20.42 1.43 -6.30
N VAL B 154 -19.87 2.38 -5.56
CA VAL B 154 -19.42 3.66 -6.09
C VAL B 154 -17.95 3.88 -5.74
N PRO B 155 -17.05 3.82 -6.71
CA PRO B 155 -15.67 4.23 -6.43
C PRO B 155 -15.59 5.74 -6.26
N PHE B 156 -14.89 6.17 -5.21
CA PHE B 156 -14.48 7.56 -5.05
C PHE B 156 -13.06 7.65 -5.60
N ASN B 157 -12.92 8.23 -6.79
CA ASN B 157 -11.61 8.37 -7.43
C ASN B 157 -10.96 9.65 -6.87
N HIS B 158 -10.27 9.49 -5.74
CA HIS B 158 -9.87 10.64 -4.92
C HIS B 158 -8.94 11.60 -5.65
N ASP B 159 -8.31 11.18 -6.75
CA ASP B 159 -7.40 12.10 -7.45
C ASP B 159 -8.16 13.17 -8.23
N GLN B 160 -9.46 12.96 -8.46
CA GLN B 160 -10.30 14.05 -8.94
C GLN B 160 -10.45 15.16 -7.92
N CYS B 161 -9.93 15.01 -6.70
CA CYS B 161 -9.86 16.10 -5.74
C CYS B 161 -8.41 16.48 -5.44
N ALA B 162 -7.66 15.61 -4.80
CA ALA B 162 -6.26 15.81 -4.47
C ALA B 162 -5.47 14.57 -4.89
N GLN B 163 -4.23 14.78 -5.33
CA GLN B 163 -3.42 13.67 -5.83
C GLN B 163 -2.96 12.79 -4.68
N TYR B 164 -3.29 11.51 -4.71
CA TYR B 164 -2.64 10.61 -3.78
C TYR B 164 -1.16 10.43 -4.17
N SER B 165 -0.25 10.83 -3.27
CA SER B 165 1.18 10.69 -3.44
C SER B 165 1.84 10.30 -2.13
N MET B 166 2.89 9.48 -2.22
CA MET B 166 3.70 9.15 -1.06
C MET B 166 4.89 10.08 -0.88
N THR B 167 5.13 11.00 -1.81
CA THR B 167 6.14 12.02 -1.60
C THR B 167 5.67 13.02 -0.56
N GLY B 168 6.57 13.87 -0.10
CA GLY B 168 5.90 14.74 0.86
C GLY B 168 5.07 15.89 0.30
N GLN B 169 4.98 16.04 -1.02
CA GLN B 169 4.71 17.32 -1.65
C GLN B 169 3.29 17.42 -2.18
N LYS B 170 2.62 18.52 -1.85
CA LYS B 170 1.25 18.79 -2.29
C LYS B 170 1.24 19.21 -3.76
N ASN B 171 0.28 18.70 -4.50
CA ASN B 171 0.00 19.14 -5.86
C ASN B 171 -1.18 20.13 -5.78
N THR B 172 -0.85 21.41 -5.57
CA THR B 172 -1.87 22.44 -5.47
C THR B 172 -2.47 22.79 -6.81
N ASN B 173 -2.06 22.09 -7.87
CA ASN B 173 -2.73 22.13 -9.15
C ASN B 173 -3.82 21.06 -9.29
N ALA B 174 -4.06 20.25 -8.25
CA ALA B 174 -5.17 19.30 -8.29
C ALA B 174 -6.51 20.05 -8.31
N PRO B 175 -7.60 19.39 -8.75
CA PRO B 175 -8.86 20.12 -8.91
C PRO B 175 -9.43 20.75 -7.62
N PHE B 176 -9.24 20.14 -6.44
CA PHE B 176 -9.77 20.74 -5.22
C PHE B 176 -9.06 22.05 -4.91
N TYR B 177 -7.73 22.08 -5.06
CA TYR B 177 -6.98 23.27 -4.72
C TYR B 177 -7.07 24.35 -5.79
N LYS B 178 -7.43 24.00 -7.03
CA LYS B 178 -7.78 25.04 -7.98
C LYS B 178 -9.17 25.61 -7.71
N LEU B 179 -10.09 24.79 -7.16
CA LEU B 179 -11.40 25.32 -6.75
C LEU B 179 -11.28 26.20 -5.51
N TYR B 180 -10.47 25.77 -4.53
CA TYR B 180 -10.25 26.50 -3.28
C TYR B 180 -8.78 26.79 -3.06
N PRO B 181 -8.22 27.72 -3.84
CA PRO B 181 -6.76 27.96 -3.76
C PRO B 181 -6.28 28.54 -2.44
N ASN B 182 -7.11 29.21 -1.67
CA ASN B 182 -6.59 29.62 -0.38
C ASN B 182 -6.62 28.47 0.62
N LEU B 183 -6.99 27.28 0.16
CA LEU B 183 -6.83 26.09 0.98
C LEU B 183 -5.53 25.34 0.65
N ARG B 184 -4.60 26.00 -0.04
CA ARG B 184 -3.34 25.38 -0.42
C ARG B 184 -2.58 24.79 0.77
N ASP B 185 -2.91 25.22 1.99
CA ASP B 185 -2.22 24.74 3.17
C ASP B 185 -2.95 23.61 3.86
N ALA B 186 -4.22 23.36 3.53
CA ALA B 186 -4.96 22.29 4.18
C ALA B 186 -4.34 20.95 3.86
N GLY B 187 -4.67 19.95 4.67
CA GLY B 187 -4.24 18.60 4.36
C GLY B 187 -5.12 17.95 3.31
N ASP B 188 -4.54 17.00 2.56
CA ASP B 188 -5.31 16.31 1.55
C ASP B 188 -6.53 15.58 2.13
N TYR B 189 -6.48 15.19 3.41
CA TYR B 189 -7.62 14.44 3.96
C TYR B 189 -8.88 15.28 4.02
N ILE B 190 -8.76 16.61 4.09
CA ILE B 190 -9.97 17.44 4.04
C ILE B 190 -10.51 17.54 2.61
N ALA B 191 -9.62 17.61 1.60
CA ALA B 191 -10.07 17.57 0.20
C ALA B 191 -10.81 16.27 -0.09
N TRP B 192 -10.25 15.15 0.37
CA TRP B 192 -10.85 13.86 0.08
C TRP B 192 -12.16 13.68 0.86
N SER B 193 -12.22 14.19 2.09
CA SER B 193 -13.48 14.15 2.83
C SER B 193 -14.55 14.97 2.12
N TRP B 194 -14.15 16.13 1.62
CA TRP B 194 -15.06 16.94 0.82
C TRP B 194 -15.57 16.15 -0.38
N GLY B 195 -14.65 15.47 -1.09
CA GLY B 195 -15.05 14.71 -2.26
C GLY B 195 -16.12 13.67 -1.98
N ILE B 196 -15.93 12.89 -0.92
CA ILE B 196 -16.94 11.89 -0.56
C ILE B 196 -18.31 12.55 -0.38
N SER B 197 -18.37 13.65 0.39
CA SER B 197 -19.63 14.38 0.55
C SER B 197 -20.21 14.85 -0.78
N ARG B 198 -19.38 15.29 -1.71
CA ARG B 198 -19.94 15.67 -3.01
C ARG B 198 -20.39 14.45 -3.83
N LEU B 199 -19.83 13.26 -3.54
CA LEU B 199 -20.33 12.03 -4.14
C LEU B 199 -21.72 11.71 -3.62
N ILE B 200 -21.90 11.79 -2.31
CA ILE B 200 -23.19 11.46 -1.70
C ILE B 200 -24.26 12.44 -2.16
N ASP B 201 -23.92 13.73 -2.26
CA ASP B 201 -24.87 14.71 -2.78
C ASP B 201 -25.35 14.27 -4.16
N GLY B 202 -24.41 13.88 -5.01
CA GLY B 202 -24.78 13.47 -6.36
C GLY B 202 -25.62 12.20 -6.38
N ILE B 203 -25.31 11.26 -5.48
CA ILE B 203 -26.11 10.04 -5.36
C ILE B 203 -27.55 10.40 -4.99
N GLU B 204 -27.70 11.32 -4.02
CA GLU B 204 -29.02 11.83 -3.65
C GLU B 204 -29.81 12.34 -4.84
N GLN B 205 -29.15 13.07 -5.74
CA GLN B 205 -29.86 13.61 -6.90
C GLN B 205 -30.35 12.52 -7.84
N VAL B 206 -29.73 11.35 -7.82
CA VAL B 206 -30.06 10.28 -8.75
C VAL B 206 -30.63 9.06 -8.03
N LYS B 207 -31.12 9.26 -6.80
CA LYS B 207 -31.55 8.12 -5.98
C LYS B 207 -32.73 7.39 -6.61
N ASP B 208 -33.77 8.14 -7.02
CA ASP B 208 -34.91 7.55 -7.72
C ASP B 208 -34.48 6.85 -9.00
N GLN B 209 -33.37 7.26 -9.59
CA GLN B 209 -32.91 6.73 -10.87
C GLN B 209 -32.05 5.48 -10.73
N ILE B 210 -31.43 5.26 -9.58
CA ILE B 210 -30.72 4.02 -9.31
C ILE B 210 -31.28 3.29 -8.09
N HIS B 211 -32.39 3.77 -7.53
CA HIS B 211 -33.06 3.12 -6.40
C HIS B 211 -32.06 2.86 -5.27
N ALA B 212 -31.34 3.91 -4.89
CA ALA B 212 -30.36 3.86 -3.81
C ALA B 212 -31.04 4.19 -2.49
N ASP B 213 -30.72 3.41 -1.46
CA ASP B 213 -31.29 3.62 -0.13
C ASP B 213 -30.40 4.60 0.61
N MET B 214 -30.82 5.87 0.62
CA MET B 214 -30.01 6.93 1.18
C MET B 214 -29.66 6.72 2.65
N ASN B 215 -30.42 5.91 3.38
CA ASN B 215 -30.13 5.70 4.78
C ASN B 215 -29.27 4.46 5.03
N HIS B 216 -28.63 3.90 3.98
CA HIS B 216 -27.79 2.72 4.12
C HIS B 216 -26.52 2.82 3.26
N ILE B 217 -25.69 3.83 3.55
CA ILE B 217 -24.46 4.11 2.79
C ILE B 217 -23.26 3.76 3.66
N GLY B 218 -22.36 2.92 3.13
CA GLY B 218 -21.13 2.60 3.82
C GLY B 218 -19.89 3.11 3.11
N VAL B 219 -18.80 3.30 3.83
CA VAL B 219 -17.54 3.70 3.24
C VAL B 219 -16.44 2.80 3.76
N THR B 220 -15.55 2.37 2.87
CA THR B 220 -14.40 1.60 3.30
C THR B 220 -13.17 1.88 2.43
N GLY B 221 -12.02 1.55 2.98
CA GLY B 221 -10.74 1.68 2.30
C GLY B 221 -9.65 1.34 3.28
N CYS B 222 -8.44 1.12 2.76
CA CYS B 222 -7.35 0.51 3.54
C CYS B 222 -6.05 1.31 3.46
N SER B 223 -5.35 1.33 4.59
CA SER B 223 -4.07 2.01 4.76
C SER B 223 -4.29 3.51 4.64
N TYR B 224 -3.66 4.19 3.66
CA TYR B 224 -3.98 5.60 3.42
C TYR B 224 -5.46 5.78 3.08
N ALA B 225 -6.07 4.78 2.47
CA ALA B 225 -7.49 4.84 2.14
C ALA B 225 -8.37 4.45 3.33
N GLY B 226 -7.78 3.83 4.37
CA GLY B 226 -8.49 3.69 5.63
C GLY B 226 -8.54 4.99 6.40
N LYS B 227 -7.43 5.74 6.44
CA LYS B 227 -7.53 7.11 6.92
C LYS B 227 -8.58 7.86 6.11
N MET B 228 -8.66 7.58 4.81
CA MET B 228 -9.63 8.29 4.01
C MET B 228 -11.07 7.90 4.37
N ALA B 229 -11.32 6.62 4.69
CA ALA B 229 -12.67 6.23 5.07
C ALA B 229 -13.04 6.79 6.44
N LEU B 230 -12.09 6.83 7.36
CA LEU B 230 -12.38 7.34 8.69
C LEU B 230 -12.75 8.82 8.64
N PHE B 231 -11.93 9.66 8.00
CA PHE B 231 -12.26 11.08 7.93
C PHE B 231 -13.57 11.32 7.17
N GLY B 232 -13.87 10.51 6.13
CA GLY B 232 -15.09 10.73 5.37
C GLY B 232 -16.35 10.41 6.17
N GLY B 233 -16.41 9.19 6.71
CA GLY B 233 -17.52 8.83 7.58
C GLY B 233 -17.68 9.75 8.77
N ALA B 234 -16.56 10.06 9.46
CA ALA B 234 -16.59 11.00 10.58
C ALA B 234 -17.14 12.39 10.19
N PHE B 235 -16.89 12.84 8.95
CA PHE B 235 -17.21 14.21 8.57
C PHE B 235 -18.50 14.33 7.74
N ASP B 236 -19.22 13.25 7.56
CA ASP B 236 -20.49 13.28 6.83
C ASP B 236 -21.49 12.39 7.58
N GLU B 237 -22.53 13.02 8.13
CA GLU B 237 -23.44 12.29 9.02
C GLU B 237 -24.44 11.42 8.27
N ARG B 238 -24.49 11.48 6.93
CA ARG B 238 -25.28 10.59 6.09
C ARG B 238 -24.61 9.24 5.84
N VAL B 239 -23.39 9.03 6.33
CA VAL B 239 -22.70 7.74 6.21
C VAL B 239 -23.13 6.88 7.38
N ALA B 240 -23.79 5.76 7.08
CA ALA B 240 -24.38 4.89 8.10
C ALA B 240 -23.38 3.86 8.64
N LEU B 241 -22.34 3.50 7.87
CA LEU B 241 -21.30 2.58 8.34
C LEU B 241 -19.91 2.99 7.84
N THR B 242 -18.96 3.15 8.78
CA THR B 242 -17.58 3.54 8.50
C THR B 242 -16.66 2.37 8.81
N ILE B 243 -15.87 1.95 7.81
CA ILE B 243 -15.01 0.77 7.98
C ILE B 243 -13.58 1.11 7.59
N PRO B 244 -12.81 1.76 8.45
CA PRO B 244 -11.38 1.96 8.16
C PRO B 244 -10.62 0.63 8.30
N GLN B 245 -9.91 0.25 7.25
CA GLN B 245 -9.16 -1.00 7.25
C GLN B 245 -7.68 -0.68 7.40
N GLU B 246 -7.11 -1.03 8.54
CA GLU B 246 -5.71 -0.79 8.81
C GLU B 246 -5.33 0.67 8.53
N SER B 247 -6.21 1.56 8.96
CA SER B 247 -5.95 2.99 8.80
C SER B 247 -4.70 3.44 9.54
N GLY B 248 -4.23 2.66 10.52
CA GLY B 248 -3.00 2.92 11.28
C GLY B 248 -2.70 4.37 11.67
N GLY B 249 -1.43 4.75 11.64
CA GLY B 249 -1.05 6.06 12.13
C GLY B 249 -1.69 7.17 11.31
N GLY B 250 -2.06 8.26 11.99
CA GLY B 250 -2.89 9.26 11.39
C GLY B 250 -4.31 8.83 11.11
N GLY B 251 -4.63 7.55 11.23
CA GLY B 251 -6.01 7.08 11.16
C GLY B 251 -6.62 6.90 12.55
N ILE B 252 -7.00 5.66 12.88
CA ILE B 252 -7.58 5.40 14.20
C ILE B 252 -6.57 5.66 15.31
N ASN B 253 -5.28 5.46 15.07
CA ASN B 253 -4.26 5.60 16.11
C ASN B 253 -4.32 7.00 16.73
N ALA B 254 -4.04 7.07 18.03
CA ALA B 254 -3.98 8.37 18.71
C ALA B 254 -2.55 8.88 18.71
N TRP B 255 -2.40 10.19 18.49
CA TRP B 255 -1.08 10.80 18.46
C TRP B 255 -0.32 10.57 19.77
N ARG B 256 -1.00 10.75 20.93
CA ARG B 256 -0.36 10.60 22.23
C ARG B 256 0.15 9.18 22.45
N VAL B 257 -0.64 8.19 22.06
CA VAL B 257 -0.27 6.81 22.31
C VAL B 257 0.85 6.38 21.38
N SER B 258 0.82 6.87 20.12
CA SER B 258 1.88 6.49 19.18
C SER B 258 3.19 7.16 19.52
N ASP B 259 3.15 8.32 20.19
CA ASP B 259 4.37 8.95 20.67
C ASP B 259 5.11 8.11 21.72
N THR B 260 4.41 7.18 22.42
CA THR B 260 5.06 6.39 23.47
C THR B 260 5.74 5.15 22.90
N ILE B 261 5.07 4.40 22.03
CA ILE B 261 5.80 3.40 21.26
C ILE B 261 6.74 4.13 20.30
N GLY B 262 7.84 3.47 19.95
CA GLY B 262 8.77 4.02 18.98
C GLY B 262 8.61 3.36 17.62
N ASN B 263 9.09 4.05 16.58
CA ASN B 263 9.19 3.47 15.22
C ASN B 263 7.81 3.15 14.64
N VAL B 264 6.84 4.03 14.90
CA VAL B 264 5.50 3.91 14.35
C VAL B 264 5.13 5.26 13.76
N GLU B 265 4.26 5.26 12.75
CA GLU B 265 3.79 6.53 12.20
C GLU B 265 3.21 7.41 13.31
N LYS B 266 3.87 8.53 13.61
CA LYS B 266 3.44 9.52 14.60
C LYS B 266 3.45 10.91 13.98
N ILE B 267 3.28 11.95 14.81
CA ILE B 267 3.37 13.34 14.35
C ILE B 267 4.74 13.64 13.76
N ASP B 268 5.78 12.99 14.26
CA ASP B 268 7.14 13.29 13.84
C ASP B 268 7.40 12.90 12.38
N ASN B 269 6.81 11.79 11.90
CA ASN B 269 7.22 11.19 10.63
C ASN B 269 6.05 10.90 9.68
N THR B 270 4.90 11.58 9.83
CA THR B 270 3.80 11.30 8.94
C THR B 270 3.88 12.26 7.75
N ASN B 271 2.97 12.09 6.79
CA ASN B 271 3.01 12.83 5.53
C ASN B 271 2.35 14.20 5.68
N TYR B 272 3.11 15.28 5.46
CA TYR B 272 2.60 16.61 5.75
C TYR B 272 2.10 17.33 4.52
N SER B 273 1.70 16.58 3.50
CA SER B 273 0.66 17.02 2.58
C SER B 273 -0.71 16.41 2.93
N TRP B 274 -0.75 15.20 3.49
CA TRP B 274 -2.02 14.64 3.97
C TRP B 274 -2.59 15.46 5.11
N PHE B 275 -1.71 15.92 6.00
CA PHE B 275 -2.04 16.79 7.10
C PHE B 275 -1.38 18.14 6.88
N MET B 276 -1.74 19.09 7.74
CA MET B 276 -1.14 20.40 7.70
C MET B 276 0.24 20.37 8.36
N GLN B 277 1.16 21.16 7.78
CA GLN B 277 2.49 21.24 8.37
C GLN B 277 2.43 21.80 9.79
N ALA B 278 1.43 22.64 10.10
CA ALA B 278 1.30 23.19 11.45
C ALA B 278 1.20 22.11 12.53
N LEU B 279 0.56 20.97 12.26
CA LEU B 279 0.50 19.91 13.27
C LEU B 279 1.90 19.55 13.78
N LYS B 280 2.83 19.23 12.87
CA LYS B 280 4.20 18.93 13.30
C LYS B 280 4.87 20.17 13.88
N ASN B 281 4.61 21.34 13.29
CA ASN B 281 5.30 22.55 13.73
C ASN B 281 4.89 22.93 15.15
N ASN B 282 3.63 22.69 15.52
CA ASN B 282 3.08 23.10 16.81
C ASN B 282 2.99 21.98 17.83
N PHE B 283 2.86 20.73 17.44
CA PHE B 283 2.60 19.68 18.44
C PHE B 283 3.53 18.49 18.27
N ASN B 284 4.74 18.69 17.73
CA ASN B 284 5.71 17.60 17.69
C ASN B 284 6.42 17.51 19.04
N GLY B 285 6.48 16.31 19.60
CA GLY B 285 6.96 16.14 20.96
C GLY B 285 5.91 16.52 21.95
N LYS B 286 5.37 17.72 21.81
CA LYS B 286 4.33 18.29 22.66
C LYS B 286 2.92 17.77 22.34
N SER B 287 2.77 16.47 22.01
CA SER B 287 1.44 15.99 21.63
C SER B 287 0.43 16.10 22.76
N ASP B 288 0.91 16.30 24.00
CA ASP B 288 -0.01 16.43 25.12
C ASP B 288 -0.84 17.70 25.05
N LYS B 289 -0.35 18.74 24.38
CA LYS B 289 -1.07 20.02 24.34
C LYS B 289 -2.23 20.02 23.33
N LEU B 290 -2.48 18.93 22.62
CA LEU B 290 -3.55 18.92 21.63
C LEU B 290 -4.90 18.99 22.36
N PRO B 291 -5.78 19.94 22.00
CA PRO B 291 -7.13 19.97 22.59
C PRO B 291 -7.98 18.74 22.26
N TYR B 292 -7.41 17.79 21.53
CA TYR B 292 -8.15 16.64 21.01
C TYR B 292 -7.16 15.50 20.82
N ASP B 293 -7.68 14.36 20.36
CA ASP B 293 -6.85 13.32 19.77
C ASP B 293 -7.76 12.48 18.87
N HIS B 294 -7.21 11.41 18.30
CA HIS B 294 -7.90 10.72 17.23
C HIS B 294 -8.93 9.71 17.74
N HIS B 295 -9.03 9.54 19.06
CA HIS B 295 -10.21 8.88 19.61
C HIS B 295 -11.46 9.74 19.41
N GLU B 296 -11.34 11.05 19.63
CA GLU B 296 -12.44 11.97 19.30
C GLU B 296 -12.72 11.99 17.81
N LEU B 297 -11.76 11.60 16.97
CA LEU B 297 -12.05 11.51 15.54
C LEU B 297 -12.99 10.35 15.25
N ILE B 298 -12.68 9.17 15.81
CA ILE B 298 -13.61 8.03 15.74
C ILE B 298 -14.94 8.42 16.36
N ALA B 299 -14.91 9.20 17.45
CA ALA B 299 -16.14 9.57 18.12
C ALA B 299 -17.01 10.43 17.22
N MET B 300 -16.44 11.11 16.24
CA MET B 300 -17.27 11.88 15.32
C MET B 300 -18.24 10.97 14.56
N VAL B 301 -17.96 9.68 14.51
CA VAL B 301 -18.85 8.76 13.82
C VAL B 301 -20.07 8.41 14.68
N ALA B 302 -19.90 8.39 16.01
CA ALA B 302 -20.99 8.09 16.92
C ALA B 302 -22.11 9.13 16.76
N PRO B 303 -23.39 8.71 16.90
CA PRO B 303 -23.80 7.34 17.25
C PRO B 303 -23.96 6.38 16.08
N ARG B 304 -23.50 6.73 14.88
CA ARG B 304 -23.59 5.83 13.74
C ARG B 304 -22.60 4.67 13.90
N ALA B 305 -22.71 3.70 13.00
CA ALA B 305 -22.00 2.43 13.15
C ALA B 305 -20.57 2.49 12.62
N PHE B 306 -19.66 1.80 13.31
CA PHE B 306 -18.23 1.87 13.06
C PHE B 306 -17.58 0.52 13.35
N PHE B 307 -16.63 0.12 12.50
CA PHE B 307 -15.92 -1.14 12.66
C PHE B 307 -14.59 -1.07 11.91
N THR B 308 -13.48 -1.27 12.63
CA THR B 308 -12.16 -1.11 12.06
C THR B 308 -11.37 -2.41 12.14
N MET B 309 -10.37 -2.56 11.27
CA MET B 309 -9.57 -3.79 11.20
C MET B 309 -8.10 -3.50 11.39
N GLY B 310 -7.42 -4.34 12.18
CA GLY B 310 -6.01 -4.17 12.48
C GLY B 310 -5.13 -5.23 11.83
N ASN B 311 -3.84 -5.13 12.16
CA ASN B 311 -2.85 -6.11 11.72
C ASN B 311 -1.55 -5.89 12.48
N PRO B 312 -1.38 -6.54 13.64
CA PRO B 312 -0.15 -6.33 14.43
C PRO B 312 1.12 -6.80 13.76
N ASP B 313 1.04 -7.54 12.64
CA ASP B 313 2.23 -8.00 11.93
C ASP B 313 3.11 -6.87 11.38
N TYR B 314 2.65 -5.61 11.42
CA TYR B 314 3.38 -4.49 10.82
C TYR B 314 3.59 -3.42 11.89
N GLU B 315 4.82 -3.34 12.42
CA GLU B 315 5.07 -2.41 13.52
C GLU B 315 4.64 -0.98 13.17
N TRP B 316 4.81 -0.58 11.91
CA TRP B 316 4.59 0.82 11.51
C TRP B 316 3.13 1.24 11.60
N LEU B 317 2.19 0.29 11.59
CA LEU B 317 0.76 0.58 11.81
C LEU B 317 0.44 0.99 13.25
N GLY B 318 1.26 0.60 14.21
CA GLY B 318 1.07 1.00 15.60
C GLY B 318 -0.27 0.57 16.19
N ASP B 319 -0.58 -0.73 16.08
CA ASP B 319 -1.91 -1.22 16.47
C ASP B 319 -2.19 -1.06 17.95
N LYS B 320 -1.15 -1.11 18.80
CA LYS B 320 -1.37 -0.80 20.21
C LYS B 320 -2.04 0.57 20.38
N SER B 321 -1.66 1.54 19.56
CA SER B 321 -2.24 2.87 19.69
C SER B 321 -3.65 2.94 19.12
N GLY B 322 -3.90 2.22 18.04
CA GLY B 322 -5.26 2.17 17.52
C GLY B 322 -6.21 1.46 18.47
N TYR B 323 -5.77 0.30 19.00
CA TYR B 323 -6.58 -0.47 19.93
C TYR B 323 -6.93 0.34 21.18
N THR B 324 -5.99 1.13 21.69
CA THR B 324 -6.29 2.05 22.78
C THR B 324 -7.27 3.12 22.34
N SER B 325 -6.99 3.79 21.22
CA SER B 325 -7.84 4.90 20.78
C SER B 325 -9.25 4.44 20.42
N ALA B 326 -9.37 3.25 19.82
CA ALA B 326 -10.69 2.70 19.52
C ALA B 326 -11.46 2.44 20.80
N MET B 327 -10.86 1.67 21.73
CA MET B 327 -11.51 1.37 23.00
C MET B 327 -11.89 2.63 23.76
N ALA B 328 -11.05 3.66 23.66
CA ALA B 328 -11.44 4.95 24.23
C ALA B 328 -12.66 5.49 23.51
N ALA B 329 -12.68 5.37 22.18
CA ALA B 329 -13.81 5.93 21.44
C ALA B 329 -15.09 5.18 21.78
N LEU B 330 -14.98 3.91 22.17
CA LEU B 330 -16.15 3.10 22.48
C LEU B 330 -16.95 3.68 23.63
N GLU B 331 -16.29 4.44 24.52
CA GLU B 331 -16.91 5.14 25.64
C GLU B 331 -17.90 6.23 25.22
N VAL B 332 -18.05 6.47 23.92
CA VAL B 332 -19.03 7.46 23.46
C VAL B 332 -20.25 6.70 22.98
N TRP B 333 -20.05 5.47 22.50
CA TRP B 333 -21.18 4.60 22.19
C TRP B 333 -21.78 4.01 23.47
N LYS B 334 -20.93 3.72 24.46
CA LYS B 334 -21.43 3.21 25.73
C LYS B 334 -22.26 4.26 26.45
N ALA B 335 -21.91 5.54 26.27
CA ALA B 335 -22.62 6.63 26.94
C ALA B 335 -24.00 6.89 26.37
N MET B 336 -24.28 6.44 25.14
CA MET B 336 -25.60 6.57 24.52
C MET B 336 -26.29 5.21 24.37
N GLY B 337 -25.86 4.21 25.13
CA GLY B 337 -26.49 2.90 25.10
C GLY B 337 -26.49 2.22 23.74
N VAL B 338 -25.49 2.52 22.92
CA VAL B 338 -25.47 2.00 21.55
C VAL B 338 -24.08 1.42 21.29
N GLU B 339 -23.44 0.95 22.37
CA GLU B 339 -22.14 0.31 22.32
C GLU B 339 -22.05 -0.83 21.30
N ASP B 340 -23.18 -1.39 20.88
CA ASP B 340 -23.14 -2.54 19.98
C ASP B 340 -22.95 -2.13 18.52
N ARG B 341 -23.03 -0.83 18.19
CA ARG B 341 -22.75 -0.38 16.83
C ARG B 341 -21.25 -0.18 16.57
N PHE B 342 -20.40 -0.44 17.56
CA PHE B 342 -18.96 -0.22 17.47
C PHE B 342 -18.29 -1.57 17.63
N GLY B 343 -17.37 -1.91 16.72
CA GLY B 343 -16.68 -3.18 16.83
C GLY B 343 -15.29 -3.06 16.23
N PHE B 344 -14.50 -4.14 16.34
CA PHE B 344 -13.24 -4.22 15.60
C PHE B 344 -12.67 -5.64 15.68
N ASN B 345 -11.46 -5.78 15.10
CA ASN B 345 -10.79 -7.08 14.95
C ASN B 345 -9.30 -6.83 14.66
N PHE B 346 -8.46 -6.88 15.69
CA PHE B 346 -7.00 -6.76 15.54
C PHE B 346 -6.40 -8.16 15.50
N VAL B 347 -5.84 -8.55 14.35
CA VAL B 347 -5.27 -9.89 14.20
C VAL B 347 -4.15 -9.85 13.16
N GLY B 348 -3.07 -10.58 13.43
CA GLY B 348 -2.01 -10.76 12.45
C GLY B 348 -2.35 -11.86 11.48
N GLY B 349 -1.33 -12.40 10.85
CA GLY B 349 -1.55 -13.56 9.99
C GLY B 349 -2.37 -13.28 8.76
N HIS B 350 -2.27 -12.06 8.24
CA HIS B 350 -2.82 -11.68 6.94
C HIS B 350 -1.91 -10.61 6.36
N MET B 351 -1.84 -10.56 5.02
CA MET B 351 -1.06 -9.52 4.36
C MET B 351 -1.73 -8.16 4.55
N HIS B 352 -0.93 -7.10 4.63
CA HIS B 352 -1.45 -5.72 4.74
C HIS B 352 -2.57 -5.50 3.74
N CYS B 353 -3.76 -5.16 4.24
CA CYS B 353 -4.95 -4.82 3.46
C CYS B 353 -5.63 -6.02 2.84
N SER B 354 -5.19 -7.24 3.14
CA SER B 354 -5.93 -8.45 2.80
C SER B 354 -6.45 -9.02 4.11
N ALA B 355 -7.77 -9.02 4.28
CA ALA B 355 -8.36 -9.35 5.57
C ALA B 355 -8.11 -10.80 5.95
N ALA B 356 -7.99 -11.03 7.26
CA ALA B 356 -8.14 -12.38 7.83
C ALA B 356 -9.60 -12.80 7.81
N GLY B 357 -9.84 -14.11 7.70
CA GLY B 357 -11.21 -14.61 7.74
C GLY B 357 -11.94 -14.21 9.00
N THR B 358 -11.22 -14.19 10.13
CA THR B 358 -11.70 -13.55 11.34
C THR B 358 -12.33 -12.18 11.03
N GLN B 359 -11.64 -11.37 10.20
CA GLN B 359 -12.05 -9.98 9.99
C GLN B 359 -13.21 -9.88 9.00
N VAL B 360 -13.19 -10.74 7.98
CA VAL B 360 -14.28 -10.82 7.00
C VAL B 360 -15.61 -11.06 7.70
N ASN B 361 -15.69 -12.12 8.51
CA ASN B 361 -16.96 -12.46 9.16
C ASN B 361 -17.36 -11.41 10.17
N ASP B 362 -16.44 -10.99 11.05
CA ASP B 362 -16.76 -9.96 12.03
C ASP B 362 -17.39 -8.73 11.39
N VAL B 363 -16.84 -8.26 10.27
CA VAL B 363 -17.40 -7.05 9.66
C VAL B 363 -18.61 -7.39 8.80
N ASN B 364 -18.72 -8.63 8.31
CA ASN B 364 -19.93 -9.01 7.58
C ASN B 364 -21.15 -8.98 8.50
N LYS B 365 -20.95 -9.14 9.81
CA LYS B 365 -22.04 -8.92 10.74
C LYS B 365 -22.49 -7.46 10.72
N PHE B 366 -21.56 -6.53 10.93
CA PHE B 366 -21.90 -5.10 10.89
C PHE B 366 -22.45 -4.71 9.53
N ILE B 367 -21.92 -5.28 8.44
CA ILE B 367 -22.45 -4.97 7.12
C ILE B 367 -23.90 -5.42 7.02
N ASP B 368 -24.20 -6.61 7.55
CA ASP B 368 -25.56 -7.16 7.45
C ASP B 368 -26.55 -6.34 8.27
N ARG B 369 -26.18 -5.97 9.50
CA ARG B 369 -27.14 -5.24 10.33
C ARG B 369 -27.36 -3.81 9.84
N PHE B 370 -26.27 -3.05 9.68
CA PHE B 370 -26.36 -1.59 9.59
C PHE B 370 -26.45 -1.06 8.16
N LEU B 371 -26.11 -1.87 7.16
CA LEU B 371 -26.24 -1.50 5.76
C LEU B 371 -27.33 -2.29 5.04
N ARG B 372 -27.38 -3.61 5.25
CA ARG B 372 -28.44 -4.41 4.66
C ARG B 372 -29.72 -4.34 5.47
N GLY B 373 -29.63 -3.99 6.75
CA GLY B 373 -30.81 -3.90 7.58
C GLY B 373 -31.27 -5.22 8.15
N LYS B 374 -30.40 -6.24 8.15
CA LYS B 374 -30.77 -7.56 8.62
C LYS B 374 -30.70 -7.62 10.14
N SER B 375 -31.38 -8.62 10.70
CA SER B 375 -31.60 -8.71 12.14
C SER B 375 -30.57 -9.64 12.79
N VAL B 376 -29.31 -9.17 12.81
CA VAL B 376 -28.21 -9.90 13.44
C VAL B 376 -27.83 -9.16 14.71
N SER B 377 -26.92 -9.76 15.47
CA SER B 377 -26.39 -9.14 16.68
C SER B 377 -24.99 -8.62 16.42
N THR B 378 -24.70 -7.46 16.99
CA THR B 378 -23.39 -6.84 16.88
C THR B 378 -22.73 -6.67 18.25
N SER B 379 -23.24 -7.44 19.24
CA SER B 379 -23.22 -7.04 20.64
C SER B 379 -21.81 -6.81 21.20
N ASN B 380 -20.89 -7.73 20.95
CA ASN B 380 -19.59 -7.64 21.62
C ASN B 380 -18.46 -8.16 20.72
N MET B 381 -18.24 -7.46 19.61
CA MET B 381 -17.14 -7.78 18.70
C MET B 381 -16.03 -6.76 18.95
N LEU B 382 -15.20 -7.07 19.94
CA LEU B 382 -14.00 -6.32 20.22
C LEU B 382 -12.79 -7.26 20.22
N SER B 383 -12.85 -8.26 19.35
CA SER B 383 -11.73 -9.15 19.06
C SER B 383 -10.45 -8.35 18.82
N SER B 384 -9.36 -8.78 19.46
CA SER B 384 -8.06 -8.16 19.23
C SER B 384 -6.95 -8.87 20.01
N SER B 385 -5.98 -9.42 19.28
CA SER B 385 -4.78 -9.97 19.89
C SER B 385 -3.76 -8.88 20.23
N VAL B 386 -4.23 -7.67 20.56
CA VAL B 386 -3.37 -6.53 20.80
C VAL B 386 -3.67 -6.01 22.19
N THR B 387 -2.73 -6.19 23.11
CA THR B 387 -2.95 -5.90 24.51
C THR B 387 -2.32 -4.57 24.88
N ASN B 388 -3.07 -3.75 25.62
CA ASN B 388 -2.53 -2.49 26.11
C ASN B 388 -3.41 -2.03 27.27
N ASP B 389 -2.80 -1.46 28.30
CA ASP B 389 -3.57 -0.92 29.41
C ASP B 389 -4.32 0.32 28.93
N TYR B 390 -5.46 0.08 28.29
CA TYR B 390 -6.24 1.20 27.76
C TYR B 390 -6.84 2.05 28.87
N ASN B 391 -7.09 1.47 30.04
CA ASN B 391 -7.66 2.24 31.15
C ASN B 391 -6.71 3.36 31.58
N SER B 392 -5.40 3.11 31.54
CA SER B 392 -4.43 4.14 31.91
C SER B 392 -4.76 5.48 31.25
N TRP B 393 -4.98 5.47 29.93
CA TRP B 393 -5.27 6.70 29.19
C TRP B 393 -6.67 7.21 29.47
N ILE B 394 -7.58 6.30 29.83
CA ILE B 394 -8.99 6.60 30.08
C ILE B 394 -9.32 6.30 31.55
N ALA B 395 -9.26 7.33 32.37
CA ALA B 395 -9.61 7.13 33.77
C ALA B 395 -10.48 8.29 34.25
N ALA B 396 -9.97 9.50 34.09
CA ALA B 396 -10.60 10.72 34.61
C ALA B 396 -11.94 11.00 33.94
N TRP B 397 -12.34 10.20 32.93
CA TRP B 397 -13.65 10.48 32.34
C TRP B 397 -14.38 9.24 31.81
N LYS B 398 -14.04 8.02 32.25
CA LYS B 398 -14.77 6.87 31.73
C LYS B 398 -16.20 6.83 32.29
N GLY B 399 -17.00 5.89 31.76
CA GLY B 399 -18.34 5.61 32.24
C GLY B 399 -19.42 6.70 32.18
N TYR B 400 -19.13 7.85 31.58
CA TYR B 400 -20.13 8.92 31.51
C TYR B 400 -21.35 8.47 30.73
N THR B 401 -22.49 9.13 31.00
CA THR B 401 -23.78 8.75 30.43
C THR B 401 -24.43 9.99 29.81
N ILE B 402 -25.23 9.76 28.76
CA ILE B 402 -25.94 10.82 28.07
C ILE B 402 -27.44 10.51 28.12
N ASP B 403 -28.24 11.53 28.41
CA ASP B 403 -29.70 11.36 28.44
C ASP B 403 -30.22 11.34 26.99
N THR B 404 -30.74 10.19 26.57
CA THR B 404 -31.20 9.99 25.20
C THR B 404 -32.72 10.12 25.10
N SER B 405 -33.23 11.28 25.51
CA SER B 405 -34.67 11.54 25.41
C SER B 405 -34.95 12.46 24.23
#